data_5AG1
#
_entry.id   5AG1
#
_cell.length_a   66.000
_cell.length_b   46.780
_cell.length_c   148.150
_cell.angle_alpha   90.00
_cell.angle_beta   100.53
_cell.angle_gamma   90.00
#
_symmetry.space_group_name_H-M   'P 1 21 1'
#
loop_
_entity.id
_entity.type
_entity.pdbx_description
1 polymer 'DYE-DECOLORIZING PEROXIDASE'
2 branched 2-acetamido-2-deoxy-beta-D-glucopyranose-(1-4)-2-acetamido-2-deoxy-beta-D-glucopyranose
3 non-polymer 'CACODYLATE ION'
4 non-polymer GLYCEROL
5 non-polymer 2-acetamido-2-deoxy-beta-D-glucopyranose
6 non-polymer 'DELTA-MESO NITROHEME'
7 non-polymer 'FORMIC ACID'
8 non-polymer 'NITRITE ION'
9 water water
#
_entity_poly.entity_id   1
_entity_poly.type   'polypeptide(L)'
_entity_poly.pdbx_seq_one_letter_code
;SLNTDDIQGDILVGMHKQKQLFYFFAINDPATFKTHLASDIAPVVASVTQLSNVATQPLVALNIAFSNTGLLALGVTDNL
GDSLFANGQAKDATSFKESTSSWVPQFAGTGIHGVIILASDTTDLIDQQVASIESTFGSSISKLYSLSASIRPGNEAGHE
MFGFLDGIAQPAINGFNTPLPGQNIVDAGVIITGATNDPITRPSWAVGGSFLAFRQLEQLVPEFNKYLLDNAPAGSGSLQ
ARADLLGARMVGRWKSGAPIDLTPTADDPALGADAQRNNNFTYSHAGFDLGSDQSHCPFSAHIRKTRPRADLGGSLTPPN
LSAGANSIMRSGIPYGPEVTSAESASNTTTQERGLAFVAYQAQLSQGFHFLQQTWADNANFPPGKTPATVGLDPIIGQNN
GQPRVVNGLLPSNSSASLSIPQFVVSHGGEYFFSPPISAIGGRLSA
;
_entity_poly.pdbx_strand_id   A,B
#
loop_
_chem_comp.id
_chem_comp.type
_chem_comp.name
_chem_comp.formula
CAC non-polymer 'CACODYLATE ION' 'C2 H6 As O2 -1'
FMT non-polymer 'FORMIC ACID' 'C H2 O2'
GOL non-polymer GLYCEROL 'C3 H8 O3'
N7H non-polymer 'DELTA-MESO NITROHEME' 'C34 H29 Fe N5 O6'
NAG D-saccharide, beta linking 2-acetamido-2-deoxy-beta-D-glucopyranose 'C8 H15 N O6'
NO2 non-polymer 'NITRITE ION' 'N O2 -1'
#
# COMPACT_ATOMS: atom_id res chain seq x y z
N SER A 1 8.90 -18.41 36.40
CA SER A 1 8.13 -18.85 35.21
C SER A 1 7.45 -17.68 34.52
N LEU A 2 7.39 -17.72 33.19
CA LEU A 2 6.94 -16.58 32.40
C LEU A 2 5.44 -16.40 32.46
N ASN A 3 4.99 -15.17 32.65
CA ASN A 3 3.59 -14.82 32.47
C ASN A 3 3.31 -14.40 31.03
N THR A 4 2.90 -15.37 30.21
CA THR A 4 2.80 -15.14 28.77
C THR A 4 1.54 -14.37 28.41
N ASP A 5 0.66 -14.21 29.38
CA ASP A 5 -0.48 -13.30 29.25
C ASP A 5 0.01 -11.85 29.12
N ASP A 6 1.18 -11.57 29.67
CA ASP A 6 1.63 -10.21 29.84
C ASP A 6 2.79 -9.85 28.91
N ILE A 7 3.27 -10.83 28.16
CA ILE A 7 4.37 -10.61 27.23
C ILE A 7 3.82 -10.42 25.82
N GLN A 8 4.32 -9.40 25.12
CA GLN A 8 3.84 -9.11 23.76
C GLN A 8 4.22 -10.23 22.79
N GLY A 9 3.29 -10.59 21.91
CA GLY A 9 3.39 -11.82 21.14
C GLY A 9 4.63 -11.93 20.27
N ASP A 10 5.01 -10.83 19.63
CA ASP A 10 6.09 -10.86 18.65
C ASP A 10 7.41 -11.30 19.27
N ILE A 11 7.59 -11.02 20.56
CA ILE A 11 8.86 -11.29 21.24
C ILE A 11 9.22 -12.77 21.23
N LEU A 12 8.24 -13.62 21.52
CA LEU A 12 8.52 -15.04 21.76
C LEU A 12 7.97 -15.98 20.69
N VAL A 13 6.91 -15.56 20.01
CA VAL A 13 6.25 -16.45 19.05
C VAL A 13 6.08 -15.87 17.65
N GLY A 14 6.28 -14.57 17.52
CA GLY A 14 6.06 -13.89 16.24
C GLY A 14 4.59 -13.63 15.98
N MET A 15 4.30 -12.82 14.96
CA MET A 15 2.95 -12.29 14.75
C MET A 15 2.02 -13.28 14.04
N HIS A 16 2.60 -14.22 13.32
CA HIS A 16 1.82 -15.28 12.66
C HIS A 16 0.91 -14.76 11.56
N LYS A 17 1.34 -13.74 10.83
CA LYS A 17 0.49 -13.12 9.81
C LYS A 17 1.22 -12.92 8.49
N GLN A 18 0.46 -12.88 7.40
CA GLN A 18 1.01 -12.69 6.06
C GLN A 18 1.69 -11.33 5.90
N LYS A 19 1.07 -10.30 6.48
CA LYS A 19 1.49 -8.92 6.25
C LYS A 19 1.86 -8.24 7.57
N GLN A 20 2.87 -7.39 7.53
CA GLN A 20 3.18 -6.53 8.66
C GLN A 20 3.42 -5.09 8.23
N LEU A 21 2.99 -4.16 9.07
CA LEU A 21 3.35 -2.76 8.94
C LEU A 21 4.11 -2.32 10.19
N PHE A 22 5.28 -1.73 9.98
CA PHE A 22 5.97 -1.02 11.05
C PHE A 22 5.67 0.48 10.94
N TYR A 23 4.91 0.98 11.90
CA TYR A 23 4.39 2.35 11.87
C TYR A 23 5.16 3.15 12.92
N PHE A 24 6.09 3.98 12.48
CA PHE A 24 6.95 4.74 13.39
C PHE A 24 6.35 6.12 13.64
N PHE A 25 6.17 6.44 14.92
CA PHE A 25 5.38 7.62 15.28
C PHE A 25 6.13 8.57 16.21
N ALA A 26 5.65 9.81 16.27
CA ALA A 26 6.02 10.72 17.35
C ALA A 26 4.81 11.00 18.22
N ILE A 27 5.07 11.32 19.48
CA ILE A 27 4.00 11.72 20.41
C ILE A 27 3.94 13.24 20.47
N ASN A 28 2.79 13.80 20.09
CA ASN A 28 2.65 15.26 20.04
C ASN A 28 2.07 15.80 21.33
N ASP A 29 1.09 15.08 21.87
CA ASP A 29 0.37 15.51 23.07
C ASP A 29 0.29 14.34 24.05
N PRO A 30 1.23 14.29 25.01
CA PRO A 30 1.35 13.18 25.95
C PRO A 30 0.04 12.83 26.62
N ALA A 31 -0.66 13.83 27.13
CA ALA A 31 -1.86 13.61 27.94
C ALA A 31 -2.93 12.90 27.12
N THR A 32 -3.19 13.40 25.92
CA THR A 32 -4.19 12.81 25.05
C THR A 32 -3.71 11.45 24.54
N PHE A 33 -2.43 11.36 24.21
CA PHE A 33 -1.84 10.10 23.78
C PHE A 33 -2.07 9.02 24.84
N LYS A 34 -1.80 9.36 26.09
CA LYS A 34 -1.91 8.41 27.20
C LYS A 34 -3.35 7.91 27.33
N THR A 35 -4.30 8.83 27.25
CA THR A 35 -5.71 8.48 27.37
C THR A 35 -6.06 7.37 26.38
N HIS A 36 -5.60 7.52 25.15
CA HIS A 36 -5.95 6.58 24.09
C HIS A 36 -5.05 5.35 24.08
N LEU A 37 -3.81 5.51 24.53
CA LEU A 37 -2.93 4.37 24.74
C LEU A 37 -3.60 3.36 25.67
N ALA A 38 -4.23 3.86 26.73
CA ALA A 38 -4.89 3.00 27.70
C ALA A 38 -6.21 2.43 27.18
N SER A 39 -6.98 3.26 26.49
N SER A 39 -6.97 3.26 26.47
CA SER A 39 -8.35 2.89 26.10
CA SER A 39 -8.34 2.91 26.11
C SER A 39 -8.39 2.11 24.80
C SER A 39 -8.39 2.12 24.79
N ASP A 40 -7.54 2.49 23.85
CA ASP A 40 -7.65 1.98 22.49
C ASP A 40 -6.59 0.93 22.16
N ILE A 41 -5.39 1.12 22.71
CA ILE A 41 -4.27 0.26 22.33
C ILE A 41 -4.12 -0.91 23.30
N ALA A 42 -4.01 -0.61 24.59
CA ALA A 42 -3.74 -1.62 25.60
C ALA A 42 -4.62 -2.86 25.47
N PRO A 43 -5.94 -2.66 25.33
CA PRO A 43 -6.87 -3.79 25.32
C PRO A 43 -6.68 -4.72 24.12
N VAL A 44 -6.02 -4.24 23.07
CA VAL A 44 -5.91 -5.02 21.84
C VAL A 44 -4.48 -5.43 21.50
N VAL A 45 -3.58 -5.25 22.46
CA VAL A 45 -2.21 -5.72 22.28
C VAL A 45 -2.16 -7.23 22.43
N ALA A 46 -1.64 -7.91 21.42
CA ALA A 46 -1.67 -9.37 21.38
C ALA A 46 -0.55 -9.98 22.22
N SER A 47 -0.92 -10.92 23.09
CA SER A 47 0.02 -11.54 24.01
C SER A 47 0.57 -12.82 23.40
N VAL A 48 1.63 -13.35 24.02
CA VAL A 48 2.14 -14.66 23.64
C VAL A 48 1.06 -15.73 23.79
N THR A 49 0.37 -15.70 24.94
CA THR A 49 -0.75 -16.62 25.15
C THR A 49 -1.72 -16.57 23.98
N GLN A 50 -2.12 -15.35 23.61
CA GLN A 50 -3.15 -15.15 22.61
C GLN A 50 -2.74 -15.70 21.26
N LEU A 51 -1.49 -15.42 20.86
CA LEU A 51 -0.99 -15.81 19.55
C LEU A 51 -0.60 -17.28 19.49
N SER A 52 -0.42 -17.90 20.65
CA SER A 52 -0.04 -19.31 20.72
C SER A 52 -1.24 -20.24 20.56
N ASN A 53 -2.44 -19.67 20.59
CA ASN A 53 -3.67 -20.45 20.47
C ASN A 53 -4.31 -20.26 19.10
N VAL A 54 -4.41 -21.33 18.33
CA VAL A 54 -4.93 -21.25 16.97
C VAL A 54 -6.38 -20.75 16.94
N ALA A 55 -7.07 -20.87 18.06
CA ALA A 55 -8.48 -20.52 18.13
C ALA A 55 -8.70 -19.08 18.54
N THR A 56 -7.62 -18.37 18.90
CA THR A 56 -7.73 -17.00 19.40
C THR A 56 -6.83 -16.03 18.66
N GLN A 57 -6.63 -16.27 17.37
CA GLN A 57 -5.91 -15.33 16.52
C GLN A 57 -6.73 -14.07 16.30
N PRO A 58 -6.17 -12.90 16.65
CA PRO A 58 -6.86 -11.65 16.36
C PRO A 58 -6.89 -11.37 14.85
N LEU A 59 -7.91 -10.65 14.40
CA LEU A 59 -8.00 -10.22 13.01
C LEU A 59 -6.77 -9.40 12.63
N VAL A 60 -6.42 -8.45 13.49
CA VAL A 60 -5.16 -7.73 13.38
C VAL A 60 -4.37 -7.86 14.67
N ALA A 61 -3.19 -8.46 14.59
CA ALA A 61 -2.29 -8.53 15.73
C ALA A 61 -1.54 -7.20 15.89
N LEU A 62 -1.59 -6.64 17.08
CA LEU A 62 -0.92 -5.37 17.35
C LEU A 62 0.10 -5.49 18.47
N ASN A 63 1.31 -5.01 18.21
CA ASN A 63 2.32 -4.84 19.26
C ASN A 63 2.80 -3.40 19.24
N ILE A 64 3.37 -2.93 20.35
CA ILE A 64 3.84 -1.55 20.44
C ILE A 64 5.12 -1.42 21.25
N ALA A 65 6.04 -0.58 20.78
CA ALA A 65 7.33 -0.42 21.44
C ALA A 65 7.76 1.04 21.40
N PHE A 66 8.50 1.46 22.43
CA PHE A 66 8.86 2.86 22.59
C PHE A 66 10.37 3.06 22.57
N SER A 67 10.82 4.12 21.91
CA SER A 67 12.23 4.51 21.95
C SER A 67 12.51 5.16 23.29
N ASN A 68 13.78 5.46 23.55
CA ASN A 68 14.15 6.23 24.74
C ASN A 68 13.46 7.59 24.76
N THR A 69 13.48 8.28 23.63
CA THR A 69 12.88 9.60 23.55
C THR A 69 11.36 9.56 23.67
N GLY A 70 10.76 8.46 23.19
CA GLY A 70 9.34 8.22 23.38
C GLY A 70 8.97 8.06 24.85
N LEU A 71 9.77 7.30 25.59
CA LEU A 71 9.56 7.16 27.02
C LEU A 71 9.69 8.50 27.73
N LEU A 72 10.69 9.27 27.35
CA LEU A 72 10.87 10.61 27.90
C LEU A 72 9.66 11.49 27.61
N ALA A 73 9.10 11.37 26.41
CA ALA A 73 7.95 12.19 26.03
C ALA A 73 6.73 11.86 26.88
N LEU A 74 6.68 10.62 27.35
CA LEU A 74 5.57 10.17 28.19
C LEU A 74 5.85 10.44 29.68
N GLY A 75 6.93 11.15 29.96
CA GLY A 75 7.28 11.48 31.33
C GLY A 75 7.90 10.32 32.10
N VAL A 76 8.28 9.27 31.38
CA VAL A 76 8.91 8.11 32.02
C VAL A 76 10.43 8.23 31.97
N THR A 77 11.01 8.61 33.10
CA THR A 77 12.42 9.00 33.16
C THR A 77 13.28 7.94 33.80
N ASP A 78 12.66 6.81 34.14
CA ASP A 78 13.34 5.69 34.79
C ASP A 78 14.51 5.18 33.95
N ASN A 79 15.53 4.67 34.63
CA ASN A 79 16.66 4.00 33.98
C ASN A 79 16.28 2.55 33.62
N LEU A 80 16.21 2.26 32.33
CA LEU A 80 15.87 0.92 31.85
C LEU A 80 17.06 -0.02 31.91
N GLY A 81 18.25 0.55 32.15
CA GLY A 81 19.43 -0.26 32.41
C GLY A 81 20.16 -0.68 31.14
N ASP A 82 19.90 0.04 30.05
CA ASP A 82 20.52 -0.27 28.77
C ASP A 82 21.04 1.00 28.10
N SER A 83 22.36 1.20 28.17
N SER A 83 22.36 1.19 28.10
CA SER A 83 23.00 2.39 27.63
CA SER A 83 22.93 2.45 27.63
C SER A 83 22.71 2.55 26.15
C SER A 83 22.91 2.58 26.10
N LEU A 84 22.90 1.46 25.39
CA LEU A 84 22.69 1.47 23.96
C LEU A 84 21.27 1.93 23.60
N PHE A 85 20.28 1.37 24.29
CA PHE A 85 18.89 1.82 24.12
C PHE A 85 18.76 3.32 24.37
N ALA A 86 19.42 3.79 25.43
CA ALA A 86 19.29 5.20 25.82
C ALA A 86 19.89 6.12 24.76
N ASN A 87 21.03 5.73 24.21
CA ASN A 87 21.71 6.55 23.21
C ASN A 87 21.05 6.53 21.84
N GLY A 88 20.31 5.45 21.54
CA GLY A 88 19.67 5.32 20.24
C GLY A 88 20.58 4.71 19.20
N GLN A 89 19.99 4.08 18.19
CA GLN A 89 20.78 3.30 17.22
C GLN A 89 21.68 4.16 16.35
N ALA A 90 21.24 5.39 16.07
CA ALA A 90 22.03 6.28 15.23
C ALA A 90 23.43 6.52 15.81
N LYS A 91 23.51 6.67 17.13
CA LYS A 91 24.80 6.83 17.79
C LYS A 91 25.63 5.56 17.72
N ASP A 92 24.97 4.43 17.50
CA ASP A 92 25.64 3.13 17.51
C ASP A 92 26.21 2.75 16.14
N ALA A 93 25.94 3.56 15.12
CA ALA A 93 26.29 3.20 13.75
C ALA A 93 27.79 2.97 13.56
N THR A 94 28.60 3.79 14.23
N THR A 94 28.61 3.77 14.24
CA THR A 94 30.06 3.68 14.13
CA THR A 94 30.05 3.67 14.11
C THR A 94 30.52 2.30 14.60
C THR A 94 30.57 2.34 14.66
N SER A 95 29.85 1.77 15.62
CA SER A 95 30.19 0.47 16.17
C SER A 95 30.10 -0.63 15.10
N PHE A 96 29.24 -0.41 14.12
CA PHE A 96 28.99 -1.41 13.08
C PHE A 96 29.74 -1.04 11.81
N LYS A 97 30.57 0.00 11.89
CA LYS A 97 31.36 0.43 10.74
C LYS A 97 30.47 0.74 9.55
N GLU A 98 29.39 1.46 9.80
CA GLU A 98 28.52 1.90 8.72
C GLU A 98 28.29 3.40 8.78
N SER A 99 27.96 3.99 7.63
CA SER A 99 27.69 5.40 7.53
C SER A 99 26.18 5.66 7.54
N THR A 100 25.77 6.74 8.18
CA THR A 100 24.36 7.13 8.21
C THR A 100 23.95 7.85 6.92
N SER A 101 24.89 7.95 5.98
CA SER A 101 24.56 8.50 4.67
C SER A 101 23.54 7.64 3.94
N SER A 102 23.53 6.34 4.21
CA SER A 102 22.57 5.44 3.58
C SER A 102 21.27 5.29 4.37
N TRP A 103 21.20 5.93 5.53
CA TRP A 103 20.08 5.72 6.45
C TRP A 103 18.81 6.41 5.97
N VAL A 104 17.66 5.80 6.24
CA VAL A 104 16.39 6.53 6.23
C VAL A 104 16.52 7.78 7.09
N PRO A 105 16.22 8.95 6.55
CA PRO A 105 16.46 10.18 7.30
C PRO A 105 15.79 10.17 8.66
N GLN A 106 14.57 9.64 8.72
CA GLN A 106 13.81 9.55 9.97
C GLN A 106 14.53 8.72 11.05
N PHE A 107 15.35 7.76 10.63
CA PHE A 107 16.09 6.93 11.58
C PHE A 107 17.34 7.63 12.08
N ALA A 108 17.88 8.54 11.28
CA ALA A 108 19.16 9.16 11.60
C ALA A 108 18.99 10.33 12.57
N GLY A 109 18.67 9.99 13.82
CA GLY A 109 18.17 10.96 14.78
C GLY A 109 17.46 10.24 15.92
N THR A 110 16.78 11.01 16.76
CA THR A 110 15.96 10.43 17.82
C THR A 110 14.56 11.02 17.86
N GLY A 111 14.07 11.45 16.70
CA GLY A 111 12.73 11.99 16.58
C GLY A 111 11.64 10.94 16.72
N ILE A 112 11.97 9.70 16.38
CA ILE A 112 11.00 8.61 16.51
C ILE A 112 10.80 8.19 17.95
N HIS A 113 9.54 8.22 18.39
CA HIS A 113 9.19 7.95 19.78
C HIS A 113 8.75 6.51 20.01
N GLY A 114 8.38 5.82 18.93
CA GLY A 114 7.90 4.45 19.07
C GLY A 114 7.57 3.78 17.75
N VAL A 115 7.21 2.50 17.82
CA VAL A 115 6.73 1.78 16.66
C VAL A 115 5.50 0.97 17.04
N ILE A 116 4.46 1.07 16.22
CA ILE A 116 3.36 0.13 16.25
C ILE A 116 3.58 -0.93 15.19
N ILE A 117 3.59 -2.19 15.62
CA ILE A 117 3.62 -3.32 14.70
C ILE A 117 2.20 -3.81 14.49
N LEU A 118 1.69 -3.65 13.27
CA LEU A 118 0.40 -4.21 12.87
C LEU A 118 0.64 -5.40 11.96
N ALA A 119 -0.06 -6.50 12.23
CA ALA A 119 0.09 -7.71 11.43
C ALA A 119 -1.27 -8.31 11.11
N SER A 120 -1.51 -8.58 9.84
CA SER A 120 -2.77 -9.19 9.41
C SER A 120 -2.54 -9.96 8.12
N ASP A 121 -3.51 -10.77 7.73
CA ASP A 121 -3.34 -11.58 6.54
C ASP A 121 -3.65 -10.80 5.27
N THR A 122 -4.17 -9.58 5.42
CA THR A 122 -4.32 -8.67 4.30
C THR A 122 -3.88 -7.25 4.65
N THR A 123 -3.44 -6.50 3.65
CA THR A 123 -3.04 -5.12 3.87
C THR A 123 -4.26 -4.20 4.05
N ASP A 124 -5.40 -4.62 3.53
CA ASP A 124 -6.65 -3.88 3.73
C ASP A 124 -7.00 -3.80 5.21
N LEU A 125 -6.87 -4.92 5.91
CA LEU A 125 -7.17 -4.95 7.34
C LEU A 125 -6.20 -4.09 8.13
N ILE A 126 -4.92 -4.13 7.76
CA ILE A 126 -3.92 -3.26 8.37
C ILE A 126 -4.28 -1.79 8.16
N ASP A 127 -4.59 -1.42 6.91
CA ASP A 127 -4.84 -0.03 6.57
C ASP A 127 -6.02 0.54 7.35
N GLN A 128 -7.05 -0.28 7.56
CA GLN A 128 -8.22 0.20 8.27
C GLN A 128 -7.92 0.37 9.75
N GLN A 129 -7.07 -0.51 10.27
CA GLN A 129 -6.64 -0.41 11.66
C GLN A 129 -5.80 0.84 11.89
N VAL A 130 -4.95 1.19 10.92
CA VAL A 130 -4.23 2.45 10.96
C VAL A 130 -5.18 3.65 10.96
N ALA A 131 -6.14 3.64 10.05
CA ALA A 131 -7.15 4.71 9.99
C ALA A 131 -7.85 4.88 11.34
N SER A 132 -8.23 3.75 11.96
CA SER A 132 -8.88 3.78 13.26
C SER A 132 -7.96 4.38 14.32
N ILE A 133 -6.71 3.94 14.33
CA ILE A 133 -5.74 4.45 15.29
C ILE A 133 -5.51 5.96 15.13
N GLU A 134 -5.34 6.40 13.90
CA GLU A 134 -5.13 7.82 13.62
C GLU A 134 -6.36 8.64 13.96
N SER A 135 -7.53 8.04 13.81
CA SER A 135 -8.79 8.74 14.06
C SER A 135 -9.07 8.92 15.55
N THR A 136 -8.69 7.93 16.35
CA THR A 136 -8.88 8.02 17.79
C THR A 136 -7.82 8.88 18.47
N PHE A 137 -6.57 8.73 18.04
CA PHE A 137 -5.46 9.49 18.62
C PHE A 137 -5.47 10.93 18.13
N GLY A 138 -5.93 11.14 16.91
CA GLY A 138 -5.95 12.48 16.31
C GLY A 138 -4.57 13.10 16.24
N SER A 139 -4.48 14.37 16.61
CA SER A 139 -3.24 15.13 16.47
C SER A 139 -2.21 14.79 17.54
N SER A 140 -2.58 13.93 18.50
CA SER A 140 -1.65 13.57 19.57
C SER A 140 -0.56 12.63 19.07
N ILE A 141 -0.77 12.08 17.87
CA ILE A 141 0.22 11.19 17.25
C ILE A 141 0.59 11.71 15.87
N SER A 142 1.86 11.54 15.51
CA SER A 142 2.32 11.82 14.15
C SER A 142 3.05 10.63 13.57
N LYS A 143 2.68 10.25 12.35
CA LYS A 143 3.40 9.21 11.63
C LYS A 143 4.63 9.81 10.97
N LEU A 144 5.81 9.31 11.33
CA LEU A 144 7.05 9.86 10.81
C LEU A 144 7.59 9.01 9.66
N TYR A 145 7.37 7.71 9.74
CA TYR A 145 7.86 6.77 8.74
C TYR A 145 7.12 5.45 8.92
N SER A 146 7.02 4.68 7.85
CA SER A 146 6.49 3.34 7.97
C SER A 146 7.13 2.42 6.95
N LEU A 147 7.12 1.12 7.25
CA LEU A 147 7.64 0.12 6.34
C LEU A 147 6.69 -1.06 6.25
N SER A 148 6.23 -1.36 5.04
CA SER A 148 5.39 -2.53 4.78
C SER A 148 6.24 -3.76 4.48
N ALA A 149 5.84 -4.89 5.05
CA ALA A 149 6.56 -6.15 4.86
C ALA A 149 5.55 -7.27 4.60
N SER A 150 6.03 -8.38 4.06
N SER A 150 6.02 -8.36 4.00
CA SER A 150 5.17 -9.53 3.83
CA SER A 150 5.16 -9.49 3.69
C SER A 150 5.97 -10.83 3.71
C SER A 150 5.95 -10.79 3.63
N ILE A 151 5.35 -11.93 4.12
N ILE A 151 5.32 -11.88 4.04
CA ILE A 151 5.83 -13.24 3.73
CA ILE A 151 5.82 -13.21 3.71
C ILE A 151 5.90 -13.30 2.21
C ILE A 151 5.85 -13.38 2.21
N ARG A 152 6.91 -13.99 1.69
CA ARG A 152 7.09 -14.08 0.25
C ARG A 152 6.09 -15.08 -0.35
N PRO A 153 5.84 -14.97 -1.67
CA PRO A 153 4.69 -15.68 -2.24
C PRO A 153 4.96 -17.15 -2.53
N GLY A 154 3.89 -17.94 -2.54
CA GLY A 154 3.95 -19.30 -3.06
C GLY A 154 4.92 -20.19 -2.30
N ASN A 155 5.81 -20.85 -3.05
CA ASN A 155 6.74 -21.80 -2.47
C ASN A 155 7.89 -21.11 -1.75
N GLU A 156 7.97 -19.80 -1.92
CA GLU A 156 9.00 -19.01 -1.24
C GLU A 156 8.52 -18.47 0.10
N ALA A 157 7.31 -18.84 0.50
CA ALA A 157 6.82 -18.48 1.84
C ALA A 157 7.76 -19.01 2.91
N GLY A 158 8.23 -18.12 3.78
CA GLY A 158 9.17 -18.50 4.83
C GLY A 158 10.62 -18.28 4.42
N HIS A 159 10.83 -17.98 3.14
CA HIS A 159 12.17 -17.66 2.65
C HIS A 159 12.38 -16.14 2.64
N GLU A 160 13.61 -15.70 2.87
CA GLU A 160 13.92 -14.28 2.72
C GLU A 160 14.33 -13.98 1.28
N MET A 161 14.68 -12.73 1.01
CA MET A 161 14.78 -12.25 -0.38
C MET A 161 15.90 -12.92 -1.17
N PHE A 162 16.93 -13.42 -0.48
CA PHE A 162 18.01 -14.13 -1.17
C PHE A 162 17.57 -15.53 -1.58
N GLY A 163 16.48 -16.02 -0.97
CA GLY A 163 15.92 -17.32 -1.34
C GLY A 163 16.01 -18.38 -0.26
N PHE A 164 16.60 -18.03 0.88
CA PHE A 164 16.92 -19.01 1.92
C PHE A 164 15.78 -19.11 2.93
N LEU A 165 15.44 -20.34 3.31
CA LEU A 165 14.49 -20.56 4.39
C LEU A 165 15.00 -19.90 5.67
N ASP A 166 14.11 -19.18 6.33
N ASP A 166 14.14 -19.12 6.30
CA ASP A 166 14.48 -18.35 7.48
CA ASP A 166 14.53 -18.41 7.51
C ASP A 166 13.53 -18.62 8.66
C ASP A 166 13.71 -18.90 8.70
N GLY A 167 14.01 -18.36 9.87
CA GLY A 167 13.23 -18.66 11.07
C GLY A 167 13.28 -20.12 11.48
N ILE A 168 14.39 -20.79 11.17
CA ILE A 168 14.62 -22.13 11.66
C ILE A 168 15.14 -22.09 13.10
N ALA A 169 16.13 -21.24 13.34
CA ALA A 169 16.90 -21.29 14.58
C ALA A 169 16.49 -20.17 15.55
N GLN A 170 16.11 -20.57 16.76
CA GLN A 170 15.86 -19.61 17.84
C GLN A 170 16.33 -20.24 19.13
N PRO A 171 16.71 -19.41 20.12
CA PRO A 171 16.98 -20.00 21.43
C PRO A 171 15.70 -20.56 22.03
N ALA A 172 15.80 -21.70 22.70
CA ALA A 172 14.71 -22.18 23.52
C ALA A 172 14.84 -21.60 24.92
N ILE A 173 13.73 -21.14 25.48
N ILE A 173 13.74 -21.12 25.48
CA ILE A 173 13.70 -20.60 26.84
CA ILE A 173 13.75 -20.58 26.83
C ILE A 173 13.45 -21.71 27.84
C ILE A 173 13.44 -21.67 27.86
N ASN A 174 14.41 -21.94 28.72
CA ASN A 174 14.28 -22.98 29.75
C ASN A 174 12.99 -22.82 30.55
N GLY A 175 12.23 -23.90 30.65
CA GLY A 175 10.98 -23.87 31.41
C GLY A 175 9.79 -23.39 30.59
N PHE A 176 10.06 -22.89 29.39
CA PHE A 176 8.99 -22.45 28.50
C PHE A 176 8.91 -23.32 27.24
N ASN A 177 9.98 -23.32 26.45
CA ASN A 177 10.03 -24.12 25.23
C ASN A 177 10.47 -25.55 25.54
N THR A 178 9.87 -26.51 24.85
CA THR A 178 10.46 -27.84 24.79
C THR A 178 11.46 -27.88 23.65
N PRO A 179 12.75 -28.03 23.99
CA PRO A 179 13.83 -27.78 23.03
C PRO A 179 13.82 -28.78 21.88
N LEU A 180 14.19 -28.30 20.70
CA LEU A 180 14.40 -29.17 19.54
C LEU A 180 15.85 -29.65 19.50
N PRO A 181 16.10 -30.76 18.79
CA PRO A 181 17.45 -31.29 18.70
C PRO A 181 18.45 -30.24 18.18
N GLY A 182 19.48 -29.98 18.98
CA GLY A 182 20.53 -29.02 18.59
C GLY A 182 20.28 -27.60 19.08
N GLN A 183 19.02 -27.31 19.44
CA GLN A 183 18.63 -25.96 19.82
C GLN A 183 19.32 -25.54 21.12
N ASN A 184 19.78 -24.30 21.19
CA ASN A 184 20.33 -23.76 22.43
C ASN A 184 19.24 -23.56 23.48
N ILE A 185 19.62 -23.66 24.74
CA ILE A 185 18.67 -23.49 25.85
C ILE A 185 19.19 -22.42 26.79
N VAL A 186 18.39 -21.39 27.01
CA VAL A 186 18.85 -20.20 27.73
C VAL A 186 17.88 -19.80 28.83
N ASP A 187 18.38 -19.04 29.80
CA ASP A 187 17.52 -18.44 30.81
C ASP A 187 16.58 -17.41 30.18
N ALA A 188 15.36 -17.34 30.68
CA ALA A 188 14.37 -16.39 30.16
C ALA A 188 14.92 -14.97 30.18
N GLY A 189 15.74 -14.66 31.19
CA GLY A 189 16.26 -13.30 31.37
C GLY A 189 17.24 -12.86 30.30
N VAL A 190 17.64 -13.78 29.42
CA VAL A 190 18.42 -13.44 28.24
C VAL A 190 17.57 -12.66 27.23
N ILE A 191 16.27 -12.97 27.20
CA ILE A 191 15.35 -12.38 26.25
C ILE A 191 14.41 -11.38 26.91
N ILE A 192 13.91 -11.73 28.10
CA ILE A 192 12.87 -10.96 28.77
C ILE A 192 13.48 -10.17 29.93
N THR A 193 13.29 -8.85 29.91
CA THR A 193 13.85 -8.00 30.96
C THR A 193 13.20 -8.29 32.31
N GLY A 194 14.03 -8.53 33.33
CA GLY A 194 13.52 -8.80 34.66
C GLY A 194 13.19 -10.27 34.86
N ALA A 195 13.39 -11.07 33.82
CA ALA A 195 13.11 -12.49 33.89
C ALA A 195 14.30 -13.26 34.48
N THR A 196 14.17 -14.57 34.56
CA THR A 196 15.14 -15.41 35.26
C THR A 196 16.58 -15.12 34.87
N ASN A 197 17.38 -14.72 35.84
CA ASN A 197 18.82 -14.52 35.65
C ASN A 197 19.19 -13.38 34.70
N ASP A 198 18.26 -12.44 34.52
CA ASP A 198 18.61 -11.11 34.04
C ASP A 198 19.25 -10.34 35.18
N PRO A 199 20.55 -10.01 35.04
CA PRO A 199 21.32 -9.45 36.15
C PRO A 199 21.12 -7.94 36.30
N ILE A 200 20.50 -7.31 35.30
CA ILE A 200 20.36 -5.86 35.27
C ILE A 200 19.08 -5.41 35.97
N THR A 201 19.20 -4.48 36.91
CA THR A 201 18.04 -3.93 37.56
C THR A 201 17.16 -3.18 36.57
N ARG A 202 15.86 -3.47 36.59
CA ARG A 202 14.89 -2.76 35.76
C ARG A 202 13.84 -2.06 36.61
N PRO A 203 13.17 -1.04 36.04
CA PRO A 203 11.94 -0.55 36.65
C PRO A 203 10.93 -1.68 36.77
N SER A 204 10.16 -1.71 37.85
CA SER A 204 9.21 -2.79 38.06
C SER A 204 8.22 -2.96 36.90
N TRP A 205 7.80 -1.84 36.30
CA TRP A 205 6.81 -1.88 35.22
C TRP A 205 7.37 -2.48 33.93
N ALA A 206 8.69 -2.59 33.85
CA ALA A 206 9.35 -3.07 32.64
C ALA A 206 9.66 -4.57 32.69
N VAL A 207 9.32 -5.21 33.80
CA VAL A 207 9.51 -6.66 33.94
C VAL A 207 8.53 -7.42 33.05
N GLY A 208 9.06 -8.22 32.14
CA GLY A 208 8.25 -8.90 31.13
C GLY A 208 8.39 -8.30 29.74
N GLY A 209 9.19 -7.25 29.62
CA GLY A 209 9.44 -6.60 28.33
C GLY A 209 10.66 -7.15 27.60
N SER A 210 11.01 -6.52 26.48
CA SER A 210 12.21 -6.88 25.74
C SER A 210 12.66 -5.70 24.89
N PHE A 211 13.96 -5.60 24.64
CA PHE A 211 14.46 -4.61 23.69
C PHE A 211 14.36 -5.11 22.26
N LEU A 212 13.74 -4.28 21.42
CA LEU A 212 13.51 -4.60 20.03
C LEU A 212 14.51 -3.80 19.19
N ALA A 213 15.45 -4.52 18.56
CA ALA A 213 16.38 -3.88 17.64
C ALA A 213 15.84 -4.00 16.22
N PHE A 214 15.41 -2.87 15.67
CA PHE A 214 14.89 -2.84 14.30
C PHE A 214 15.96 -2.37 13.33
N ARG A 215 16.09 -3.08 12.22
CA ARG A 215 17.02 -2.72 11.16
C ARG A 215 16.37 -2.88 9.79
N GLN A 216 16.38 -1.81 9.00
CA GLN A 216 15.94 -1.90 7.62
C GLN A 216 17.14 -2.27 6.76
N LEU A 217 17.24 -3.55 6.39
CA LEU A 217 18.40 -4.06 5.69
C LEU A 217 18.08 -4.35 4.23
N GLU A 218 18.48 -3.46 3.34
CA GLU A 218 18.26 -3.67 1.91
C GLU A 218 19.13 -4.81 1.42
N GLN A 219 18.56 -5.68 0.61
CA GLN A 219 19.31 -6.79 0.01
C GLN A 219 19.43 -6.59 -1.48
N LEU A 220 20.66 -6.70 -1.99
CA LEU A 220 20.92 -6.55 -3.42
C LEU A 220 20.96 -7.91 -4.09
N VAL A 221 19.78 -8.41 -4.45
CA VAL A 221 19.60 -9.82 -4.79
C VAL A 221 20.23 -10.16 -6.14
N PRO A 222 19.96 -9.35 -7.18
CA PRO A 222 20.57 -9.63 -8.47
C PRO A 222 22.09 -9.56 -8.41
N GLU A 223 22.62 -8.64 -7.61
CA GLU A 223 24.06 -8.49 -7.43
C GLU A 223 24.66 -9.70 -6.69
N PHE A 224 23.96 -10.15 -5.65
CA PHE A 224 24.33 -11.36 -4.93
C PHE A 224 24.40 -12.55 -5.89
N ASN A 225 23.36 -12.74 -6.67
CA ASN A 225 23.28 -13.89 -7.57
C ASN A 225 24.36 -13.86 -8.64
N LYS A 226 24.64 -12.67 -9.17
CA LYS A 226 25.73 -12.50 -10.13
C LYS A 226 27.08 -12.84 -9.51
N TYR A 227 27.32 -12.37 -8.29
CA TYR A 227 28.59 -12.64 -7.61
C TYR A 227 28.81 -14.14 -7.44
N LEU A 228 27.76 -14.86 -7.05
CA LEU A 228 27.84 -16.30 -6.91
C LEU A 228 28.21 -17.00 -8.22
N LEU A 229 27.58 -16.57 -9.32
CA LEU A 229 27.90 -17.10 -10.64
C LEU A 229 29.36 -16.83 -11.01
N ASP A 230 29.79 -15.60 -10.79
CA ASP A 230 31.11 -15.17 -11.26
C ASP A 230 32.25 -15.75 -10.41
N ASN A 231 31.95 -16.09 -9.16
CA ASN A 231 32.97 -16.54 -8.24
C ASN A 231 32.80 -17.99 -7.80
N ALA A 232 31.82 -18.66 -8.38
CA ALA A 232 31.62 -20.09 -8.13
C ALA A 232 32.94 -20.83 -8.26
N PRO A 233 33.26 -21.70 -7.29
CA PRO A 233 34.48 -22.48 -7.39
C PRO A 233 34.47 -23.40 -8.61
N ALA A 234 35.64 -23.64 -9.19
CA ALA A 234 35.80 -24.68 -10.19
C ALA A 234 35.25 -26.01 -9.67
N GLY A 235 34.89 -26.91 -10.58
CA GLY A 235 34.40 -28.22 -10.18
C GLY A 235 33.62 -28.91 -11.29
N SER A 236 33.39 -30.21 -11.12
CA SER A 236 32.72 -31.01 -12.14
C SER A 236 31.20 -30.82 -12.12
N GLY A 237 30.69 -30.24 -11.04
CA GLY A 237 29.27 -29.90 -10.96
C GLY A 237 28.90 -28.87 -12.01
N SER A 238 27.61 -28.69 -12.23
CA SER A 238 27.14 -27.66 -13.16
C SER A 238 27.46 -26.28 -12.60
N LEU A 239 27.46 -25.27 -13.46
CA LEU A 239 27.68 -23.91 -13.00
C LEU A 239 26.67 -23.52 -11.93
N GLN A 240 25.40 -23.87 -12.12
CA GLN A 240 24.38 -23.48 -11.15
C GLN A 240 24.64 -24.15 -9.81
N ALA A 241 25.04 -25.42 -9.86
CA ALA A 241 25.29 -26.19 -8.66
C ALA A 241 26.42 -25.55 -7.85
N ARG A 242 27.46 -25.13 -8.56
CA ARG A 242 28.64 -24.58 -7.89
C ARG A 242 28.41 -23.15 -7.40
N ALA A 243 27.59 -22.40 -8.12
CA ALA A 243 27.12 -21.09 -7.62
C ALA A 243 26.26 -21.28 -6.37
N ASP A 244 25.32 -22.20 -6.43
CA ASP A 244 24.46 -22.49 -5.29
C ASP A 244 25.29 -22.90 -4.07
N LEU A 245 26.32 -23.70 -4.32
CA LEU A 245 27.21 -24.16 -3.26
C LEU A 245 27.89 -22.97 -2.56
N LEU A 246 28.34 -21.99 -3.34
CA LEU A 246 29.00 -20.83 -2.76
C LEU A 246 28.04 -20.02 -1.92
N GLY A 247 26.82 -19.83 -2.42
CA GLY A 247 25.76 -19.19 -1.65
C GLY A 247 25.54 -19.87 -0.31
N ALA A 248 25.45 -21.20 -0.34
CA ALA A 248 25.18 -21.97 0.88
C ALA A 248 26.34 -21.86 1.86
N ARG A 249 27.55 -21.83 1.34
CA ARG A 249 28.72 -21.73 2.21
C ARG A 249 28.88 -20.35 2.84
N MET A 250 28.30 -19.33 2.21
CA MET A 250 28.19 -18.01 2.82
C MET A 250 27.17 -17.97 3.95
N VAL A 251 26.03 -18.61 3.73
CA VAL A 251 24.94 -18.55 4.70
C VAL A 251 25.16 -19.55 5.84
N GLY A 252 25.62 -20.75 5.48
CA GLY A 252 25.69 -21.86 6.43
C GLY A 252 24.52 -22.82 6.29
N ARG A 253 23.57 -22.47 5.43
CA ARG A 253 22.46 -23.36 5.08
C ARG A 253 22.18 -23.29 3.59
N TRP A 254 21.68 -24.38 3.02
CA TRP A 254 21.10 -24.35 1.68
C TRP A 254 19.75 -23.64 1.74
N LYS A 255 19.22 -23.26 0.57
CA LYS A 255 17.98 -22.51 0.53
C LYS A 255 16.80 -23.29 1.12
N SER A 256 16.91 -24.60 1.15
CA SER A 256 15.85 -25.44 1.71
C SER A 256 15.84 -25.34 3.23
N GLY A 257 16.92 -24.82 3.79
CA GLY A 257 17.10 -24.82 5.24
C GLY A 257 18.06 -25.89 5.74
N ALA A 258 18.41 -26.83 4.88
CA ALA A 258 19.36 -27.86 5.28
C ALA A 258 20.70 -27.24 5.66
N PRO A 259 21.18 -27.52 6.87
CA PRO A 259 22.48 -26.99 7.32
C PRO A 259 23.63 -27.64 6.57
N ILE A 260 24.52 -26.83 6.00
CA ILE A 260 25.60 -27.36 5.19
C ILE A 260 26.52 -28.24 6.03
N ASP A 261 26.59 -27.96 7.33
CA ASP A 261 27.39 -28.76 8.24
C ASP A 261 27.04 -30.24 8.17
N LEU A 262 25.74 -30.51 7.98
CA LEU A 262 25.28 -31.90 7.89
C LEU A 262 25.19 -32.41 6.46
N THR A 263 25.26 -31.50 5.49
CA THR A 263 25.22 -31.88 4.09
C THR A 263 26.06 -30.94 3.22
N PRO A 264 27.39 -31.16 3.23
CA PRO A 264 28.34 -30.11 2.84
C PRO A 264 28.39 -29.86 1.33
N THR A 265 27.97 -30.84 0.53
CA THR A 265 28.21 -30.80 -0.92
C THR A 265 26.96 -30.56 -1.76
N ALA A 266 25.78 -30.85 -1.19
CA ALA A 266 24.53 -30.64 -1.90
C ALA A 266 23.37 -30.35 -0.95
N ASP A 267 22.35 -29.68 -1.46
CA ASP A 267 21.13 -29.43 -0.70
C ASP A 267 20.45 -30.76 -0.41
N ASP A 268 19.68 -30.80 0.67
CA ASP A 268 18.93 -31.98 1.07
C ASP A 268 17.58 -31.53 1.59
N PRO A 269 16.60 -31.40 0.68
CA PRO A 269 15.34 -30.73 0.98
C PRO A 269 14.54 -31.42 2.08
N ALA A 270 14.60 -32.74 2.14
CA ALA A 270 13.91 -33.47 3.21
C ALA A 270 14.48 -33.09 4.56
N LEU A 271 15.81 -32.93 4.63
CA LEU A 271 16.47 -32.51 5.85
C LEU A 271 16.11 -31.06 6.20
N GLY A 272 16.05 -30.20 5.20
CA GLY A 272 15.75 -28.79 5.42
C GLY A 272 14.39 -28.57 6.06
N ALA A 273 13.44 -29.45 5.74
CA ALA A 273 12.06 -29.27 6.17
C ALA A 273 11.80 -29.88 7.55
N ASP A 274 12.78 -30.61 8.06
CA ASP A 274 12.58 -31.43 9.24
C ASP A 274 13.14 -30.75 10.49
N ALA A 275 12.25 -30.16 11.29
CA ALA A 275 12.65 -29.41 12.47
C ALA A 275 13.36 -30.28 13.49
N GLN A 276 13.16 -31.59 13.39
CA GLN A 276 13.82 -32.52 14.29
C GLN A 276 15.26 -32.81 13.88
N ARG A 277 15.65 -32.37 12.69
CA ARG A 277 16.99 -32.67 12.17
C ARG A 277 17.79 -31.43 11.76
N ASN A 278 17.11 -30.39 11.30
CA ASN A 278 17.76 -29.32 10.57
C ASN A 278 18.57 -28.37 11.47
N ASN A 279 18.51 -28.58 12.77
CA ASN A 279 19.33 -27.82 13.71
C ASN A 279 20.19 -28.69 14.61
N ASN A 280 20.23 -29.98 14.27
CA ASN A 280 20.87 -30.98 15.12
C ASN A 280 22.36 -31.13 14.82
N PHE A 281 23.13 -30.10 15.11
CA PHE A 281 24.57 -30.09 14.83
C PHE A 281 25.32 -29.09 15.71
N THR A 282 26.63 -29.26 15.81
CA THR A 282 27.46 -28.44 16.69
C THR A 282 28.66 -27.84 15.95
N TYR A 283 28.87 -28.30 14.73
CA TYR A 283 30.07 -28.01 13.93
C TYR A 283 31.21 -28.99 14.16
N SER A 284 31.07 -29.86 15.16
CA SER A 284 32.05 -30.92 15.40
C SER A 284 31.80 -32.13 14.50
N HIS A 285 32.88 -32.79 14.11
CA HIS A 285 32.79 -33.97 13.26
C HIS A 285 33.89 -34.95 13.62
N ALA A 286 33.52 -36.21 13.86
CA ALA A 286 34.50 -37.24 14.18
C ALA A 286 35.54 -37.35 13.07
N GLY A 287 36.81 -37.37 13.46
CA GLY A 287 37.90 -37.52 12.50
C GLY A 287 38.43 -36.20 11.97
N PHE A 288 37.76 -35.11 12.35
CA PHE A 288 38.14 -33.78 11.86
C PHE A 288 38.53 -32.83 12.99
N ASP A 289 39.53 -32.00 12.74
CA ASP A 289 40.00 -31.03 13.71
C ASP A 289 39.14 -29.77 13.69
N LEU A 290 38.40 -29.54 14.77
CA LEU A 290 37.45 -28.42 14.82
C LEU A 290 38.12 -27.10 14.46
N GLY A 291 39.38 -26.97 14.83
CA GLY A 291 40.11 -25.71 14.68
C GLY A 291 40.52 -25.37 13.26
N SER A 292 40.56 -26.37 12.38
CA SER A 292 41.07 -26.16 11.03
C SER A 292 40.12 -26.63 9.92
N ASP A 293 39.15 -27.46 10.29
CA ASP A 293 38.30 -28.09 9.29
C ASP A 293 37.18 -27.15 8.84
N GLN A 294 37.25 -26.70 7.60
CA GLN A 294 36.19 -25.87 7.03
C GLN A 294 35.49 -26.59 5.88
N SER A 295 35.70 -27.89 5.78
CA SER A 295 35.14 -28.66 4.67
C SER A 295 33.64 -28.90 4.82
N HIS A 296 33.15 -28.83 6.05
CA HIS A 296 31.72 -28.99 6.29
C HIS A 296 31.01 -27.63 6.25
N CYS A 297 31.61 -26.65 6.92
CA CYS A 297 31.06 -25.30 6.97
C CYS A 297 32.18 -24.31 7.26
N PRO A 298 32.29 -23.24 6.44
CA PRO A 298 33.30 -22.21 6.67
C PRO A 298 33.16 -21.63 8.08
N PHE A 299 34.28 -21.27 8.69
CA PHE A 299 34.24 -20.55 9.96
C PHE A 299 33.50 -19.22 9.79
N SER A 300 33.41 -18.76 8.55
CA SER A 300 32.90 -17.41 8.27
C SER A 300 31.42 -17.38 7.89
N ALA A 301 30.80 -18.55 7.76
CA ALA A 301 29.39 -18.62 7.37
C ALA A 301 28.49 -17.83 8.34
N HIS A 302 27.46 -17.18 7.81
CA HIS A 302 26.54 -16.33 8.60
C HIS A 302 26.12 -16.99 9.92
N ILE A 303 25.51 -18.17 9.84
CA ILE A 303 24.96 -18.78 11.05
C ILE A 303 26.03 -19.23 12.04
N ARG A 304 27.22 -19.52 11.54
CA ARG A 304 28.35 -19.90 12.40
C ARG A 304 28.93 -18.67 13.10
N LYS A 305 28.88 -17.53 12.41
CA LYS A 305 29.33 -16.27 12.99
C LYS A 305 28.37 -15.79 14.09
N THR A 306 27.08 -16.06 13.92
CA THR A 306 26.07 -15.51 14.82
C THR A 306 25.64 -16.47 15.92
N ARG A 307 25.81 -17.77 15.70
CA ARG A 307 25.78 -18.76 16.78
C ARG A 307 26.92 -19.77 16.61
N PRO A 308 28.03 -19.55 17.33
CA PRO A 308 29.28 -20.28 17.12
C PRO A 308 29.21 -21.75 17.52
N ARG A 309 28.26 -22.09 18.39
CA ARG A 309 28.17 -23.43 18.94
C ARG A 309 29.51 -23.93 19.47
N ALA A 310 29.98 -25.09 19.00
CA ALA A 310 31.18 -25.70 19.56
C ALA A 310 32.44 -24.83 19.38
N ASP A 311 32.35 -23.82 18.53
CA ASP A 311 33.49 -22.92 18.31
C ASP A 311 33.84 -22.16 19.58
N LEU A 312 32.86 -21.99 20.47
CA LEU A 312 33.12 -21.35 21.76
C LEU A 312 33.09 -22.37 22.89
N GLY A 313 33.43 -23.61 22.57
CA GLY A 313 33.57 -24.66 23.57
C GLY A 313 32.27 -25.37 23.87
N GLY A 314 32.27 -26.16 24.95
CA GLY A 314 31.09 -26.91 25.34
C GLY A 314 31.00 -28.25 24.63
N SER A 315 29.79 -28.78 24.55
CA SER A 315 29.59 -30.13 24.05
C SER A 315 29.85 -30.24 22.55
N LEU A 316 30.54 -31.30 22.14
CA LEU A 316 30.75 -31.58 20.72
C LEU A 316 29.59 -32.36 20.13
N THR A 317 28.78 -32.96 20.99
CA THR A 317 27.52 -33.58 20.56
C THR A 317 26.34 -32.69 20.91
N PRO A 318 25.30 -32.71 20.06
CA PRO A 318 24.13 -31.87 20.28
C PRO A 318 23.39 -32.26 21.55
N PRO A 319 22.89 -31.27 22.30
CA PRO A 319 22.96 -29.88 21.87
C PRO A 319 24.16 -29.17 22.48
N ASN A 320 24.84 -28.37 21.66
CA ASN A 320 25.83 -27.44 22.19
C ASN A 320 25.15 -26.23 22.83
N LEU A 321 25.67 -25.80 23.98
CA LEU A 321 24.97 -24.81 24.80
C LEU A 321 25.79 -23.54 25.05
N SER A 322 26.83 -23.35 24.23
CA SER A 322 27.74 -22.22 24.42
C SER A 322 27.05 -20.88 24.17
N ALA A 323 27.56 -19.84 24.84
CA ALA A 323 27.22 -18.46 24.50
C ALA A 323 25.72 -18.19 24.53
N GLY A 324 25.03 -18.76 25.52
CA GLY A 324 23.59 -18.63 25.61
C GLY A 324 23.17 -17.19 25.86
N ALA A 325 24.01 -16.46 26.57
CA ALA A 325 23.72 -15.07 26.90
C ALA A 325 23.80 -14.18 25.65
N ASN A 326 24.42 -14.69 24.59
CA ASN A 326 24.48 -13.96 23.33
C ASN A 326 23.41 -14.36 22.31
N SER A 327 22.30 -14.91 22.81
CA SER A 327 21.19 -15.31 21.95
C SER A 327 20.24 -14.16 21.67
N ILE A 328 19.66 -14.15 20.47
CA ILE A 328 18.56 -13.23 20.15
C ILE A 328 17.36 -14.02 19.62
N MET A 329 16.15 -13.53 19.91
CA MET A 329 14.96 -13.99 19.19
C MET A 329 14.74 -13.15 17.94
N ARG A 330 14.57 -13.81 16.80
CA ARG A 330 14.43 -13.11 15.52
C ARG A 330 12.99 -13.13 15.02
N SER A 331 12.44 -11.97 14.71
CA SER A 331 11.10 -11.89 14.15
C SER A 331 11.06 -11.06 12.88
N GLY A 332 12.12 -11.16 12.08
CA GLY A 332 12.23 -10.35 10.87
C GLY A 332 11.28 -10.83 9.80
N ILE A 333 11.03 -9.97 8.81
CA ILE A 333 10.11 -10.29 7.74
C ILE A 333 10.51 -9.52 6.49
N PRO A 334 10.44 -10.16 5.32
CA PRO A 334 10.96 -9.51 4.12
C PRO A 334 10.11 -8.31 3.71
N TYR A 335 10.70 -7.34 3.03
CA TYR A 335 9.95 -6.20 2.52
C TYR A 335 10.28 -5.92 1.05
N GLY A 336 9.41 -5.18 0.38
CA GLY A 336 9.66 -4.79 -1.00
C GLY A 336 9.12 -5.77 -2.02
N PRO A 337 9.20 -5.40 -3.31
CA PRO A 337 8.70 -6.27 -4.37
C PRO A 337 9.65 -7.44 -4.62
N GLU A 338 9.11 -8.51 -5.18
CA GLU A 338 9.94 -9.56 -5.74
C GLU A 338 10.89 -8.99 -6.80
N VAL A 339 12.01 -9.67 -7.02
CA VAL A 339 12.95 -9.28 -8.05
C VAL A 339 12.25 -9.26 -9.42
N THR A 340 12.38 -8.13 -10.12
CA THR A 340 11.74 -7.98 -11.42
C THR A 340 12.59 -8.57 -12.55
N SER A 341 11.98 -8.77 -13.70
CA SER A 341 12.69 -9.37 -14.83
C SER A 341 13.82 -8.47 -15.32
N ALA A 342 13.57 -7.16 -15.35
CA ALA A 342 14.59 -6.20 -15.79
C ALA A 342 15.79 -6.18 -14.84
N GLU A 343 15.52 -6.33 -13.55
CA GLU A 343 16.59 -6.35 -12.56
C GLU A 343 17.40 -7.63 -12.67
N SER A 344 16.71 -8.76 -12.80
CA SER A 344 17.38 -10.04 -12.91
C SER A 344 18.26 -10.07 -14.16
N ALA A 345 17.78 -9.44 -15.23
CA ALA A 345 18.50 -9.43 -16.50
C ALA A 345 19.74 -8.54 -16.46
N SER A 346 19.62 -7.39 -15.82
CA SER A 346 20.70 -6.41 -15.78
C SER A 346 21.68 -6.70 -14.65
N ASN A 347 21.30 -7.57 -13.73
CA ASN A 347 22.07 -7.82 -12.50
C ASN A 347 22.11 -6.64 -11.56
N THR A 348 21.17 -5.71 -11.74
CA THR A 348 21.24 -4.41 -11.06
C THR A 348 19.92 -4.09 -10.36
N THR A 349 19.98 -3.93 -9.05
CA THR A 349 18.81 -3.53 -8.26
C THR A 349 18.37 -2.11 -8.59
N THR A 350 17.08 -1.93 -8.82
CA THR A 350 16.48 -0.61 -8.91
C THR A 350 15.35 -0.41 -7.91
N GLN A 351 14.74 -1.52 -7.49
CA GLN A 351 13.63 -1.46 -6.54
C GLN A 351 14.10 -1.96 -5.18
N GLU A 352 13.94 -1.13 -4.15
CA GLU A 352 14.46 -1.50 -2.84
C GLU A 352 13.66 -2.66 -2.24
N ARG A 353 14.38 -3.71 -1.89
CA ARG A 353 13.80 -4.85 -1.19
C ARG A 353 14.80 -5.31 -0.13
N GLY A 354 14.34 -6.11 0.82
CA GLY A 354 15.26 -6.70 1.78
C GLY A 354 14.56 -7.33 2.96
N LEU A 355 15.15 -7.12 4.14
CA LEU A 355 14.65 -7.72 5.37
C LEU A 355 14.34 -6.63 6.38
N ALA A 356 13.10 -6.59 6.85
CA ALA A 356 12.78 -5.81 8.05
C ALA A 356 13.22 -6.59 9.28
N PHE A 357 14.47 -6.36 9.69
CA PHE A 357 15.11 -7.19 10.70
C PHE A 357 14.63 -6.80 12.08
N VAL A 358 14.18 -7.78 12.86
CA VAL A 358 13.75 -7.54 14.23
C VAL A 358 14.42 -8.56 15.14
N ALA A 359 15.18 -8.06 16.12
CA ALA A 359 15.79 -8.94 17.12
C ALA A 359 15.35 -8.51 18.51
N TYR A 360 14.95 -9.48 19.32
CA TYR A 360 14.61 -9.24 20.72
C TYR A 360 15.68 -9.81 21.65
N GLN A 361 15.97 -9.05 22.70
CA GLN A 361 16.93 -9.45 23.72
C GLN A 361 16.73 -8.58 24.97
N ALA A 362 17.20 -9.06 26.11
CA ALA A 362 17.13 -8.30 27.36
C ALA A 362 18.26 -7.29 27.46
N GLN A 363 19.40 -7.62 26.86
CA GLN A 363 20.53 -6.69 26.80
C GLN A 363 21.02 -6.50 25.37
N LEU A 364 20.85 -5.30 24.84
CA LEU A 364 21.35 -4.98 23.50
C LEU A 364 22.85 -5.21 23.37
N SER A 365 23.58 -5.00 24.46
CA SER A 365 25.04 -5.12 24.41
C SER A 365 25.49 -6.57 24.27
N GLN A 366 24.60 -7.50 24.62
CA GLN A 366 24.91 -8.93 24.56
C GLN A 366 24.29 -9.60 23.33
N GLY A 367 23.32 -8.93 22.73
CA GLY A 367 22.55 -9.51 21.64
C GLY A 367 22.96 -8.96 20.28
N PHE A 368 22.03 -8.28 19.62
CA PHE A 368 22.25 -7.82 18.26
C PHE A 368 23.56 -7.07 18.10
N HIS A 369 23.78 -6.08 18.97
CA HIS A 369 24.95 -5.22 18.88
C HIS A 369 26.23 -6.04 19.00
N PHE A 370 26.23 -7.01 19.92
CA PHE A 370 27.37 -7.89 20.13
C PHE A 370 27.63 -8.77 18.91
N LEU A 371 26.58 -9.43 18.44
CA LEU A 371 26.68 -10.30 17.27
C LEU A 371 27.23 -9.55 16.06
N GLN A 372 26.76 -8.33 15.84
CA GLN A 372 27.18 -7.55 14.69
C GLN A 372 28.65 -7.11 14.83
N GLN A 373 28.98 -6.51 15.97
CA GLN A 373 30.28 -5.87 16.13
C GLN A 373 31.39 -6.85 16.48
N THR A 374 31.14 -7.68 17.48
CA THR A 374 32.22 -8.47 18.07
C THR A 374 32.45 -9.78 17.31
N TRP A 375 31.41 -10.25 16.62
CA TRP A 375 31.50 -11.52 15.93
C TRP A 375 31.53 -11.36 14.41
N ALA A 376 30.44 -10.87 13.84
CA ALA A 376 30.31 -10.73 12.39
C ALA A 376 31.37 -9.82 11.78
N ASP A 377 31.72 -8.75 12.48
CA ASP A 377 32.60 -7.72 11.93
C ASP A 377 34.05 -7.95 12.33
N ASN A 378 34.30 -9.06 13.02
CA ASN A 378 35.60 -9.35 13.58
C ASN A 378 36.31 -10.46 12.79
N ALA A 379 37.38 -10.09 12.09
CA ALA A 379 38.05 -11.00 11.17
C ALA A 379 38.79 -12.13 11.88
N ASN A 380 38.91 -12.03 13.20
CA ASN A 380 39.48 -13.12 13.99
C ASN A 380 38.47 -13.79 14.91
N PHE A 381 37.20 -13.75 14.50
CA PHE A 381 36.18 -14.56 15.16
C PHE A 381 35.56 -15.53 14.17
N PRO A 382 35.39 -16.79 14.58
CA PRO A 382 35.71 -17.25 15.93
C PRO A 382 37.22 -17.35 16.18
N PRO A 383 37.63 -17.39 17.46
CA PRO A 383 39.04 -17.44 17.83
C PRO A 383 39.64 -18.83 17.70
N GLY A 384 40.96 -18.91 17.66
CA GLY A 384 41.66 -20.19 17.77
C GLY A 384 41.56 -21.08 16.55
N LYS A 385 41.29 -20.48 15.39
CA LYS A 385 41.21 -21.24 14.14
C LYS A 385 42.53 -21.22 13.38
N THR A 386 42.66 -22.16 12.44
CA THR A 386 43.77 -22.15 11.48
C THR A 386 43.20 -22.28 10.08
N PRO A 387 43.46 -21.30 9.21
CA PRO A 387 44.20 -20.10 9.57
C PRO A 387 43.42 -19.21 10.53
N ALA A 388 44.13 -18.35 11.24
CA ALA A 388 43.55 -17.52 12.29
C ALA A 388 42.56 -16.50 11.74
N THR A 389 42.85 -15.99 10.55
CA THR A 389 42.00 -14.97 9.92
C THR A 389 40.76 -15.60 9.28
N VAL A 390 39.65 -15.53 9.99
CA VAL A 390 38.38 -16.05 9.48
C VAL A 390 37.81 -15.13 8.42
N GLY A 391 38.02 -13.82 8.60
CA GLY A 391 37.40 -12.82 7.75
C GLY A 391 36.02 -12.47 8.28
N LEU A 392 35.29 -11.66 7.52
CA LEU A 392 34.01 -11.14 7.99
C LEU A 392 32.85 -12.04 7.58
N ASP A 393 31.72 -11.89 8.28
CA ASP A 393 30.45 -12.46 7.84
C ASP A 393 30.09 -11.95 6.44
N PRO A 394 29.99 -12.85 5.46
CA PRO A 394 29.77 -12.46 4.07
C PRO A 394 28.38 -11.89 3.84
N ILE A 395 27.46 -12.16 4.76
CA ILE A 395 26.08 -11.67 4.64
C ILE A 395 25.90 -10.31 5.31
N ILE A 396 26.32 -10.18 6.56
CA ILE A 396 26.08 -8.93 7.30
C ILE A 396 27.35 -8.20 7.73
N GLY A 397 28.51 -8.82 7.48
CA GLY A 397 29.77 -8.20 7.87
C GLY A 397 30.01 -6.86 7.22
N GLN A 398 30.46 -5.89 8.00
CA GLN A 398 30.65 -4.52 7.51
C GLN A 398 32.05 -4.00 7.79
N ASN A 399 32.59 -3.24 6.83
CA ASN A 399 33.85 -2.53 7.03
C ASN A 399 33.84 -1.18 6.31
N ASN A 400 32.93 -0.31 6.74
CA ASN A 400 32.85 1.06 6.23
C ASN A 400 32.78 1.15 4.72
N GLY A 401 31.85 0.41 4.12
CA GLY A 401 31.58 0.53 2.69
C GLY A 401 32.54 -0.26 1.83
N GLN A 402 33.67 -0.65 2.42
CA GLN A 402 34.70 -1.41 1.70
C GLN A 402 34.24 -2.84 1.44
N PRO A 403 34.76 -3.46 0.36
CA PRO A 403 34.50 -4.88 0.16
C PRO A 403 34.98 -5.67 1.38
N ARG A 404 34.27 -6.74 1.74
CA ARG A 404 34.64 -7.56 2.88
C ARG A 404 35.59 -8.68 2.45
N VAL A 405 36.66 -8.86 3.21
CA VAL A 405 37.56 -9.99 2.99
C VAL A 405 37.07 -11.18 3.78
N VAL A 406 36.68 -12.24 3.08
CA VAL A 406 36.10 -13.41 3.72
C VAL A 406 36.88 -14.67 3.32
N ASN A 407 37.37 -15.39 4.31
CA ASN A 407 38.16 -16.58 4.04
C ASN A 407 37.38 -17.86 4.31
N GLY A 408 37.85 -18.97 3.75
CA GLY A 408 37.31 -20.29 4.09
C GLY A 408 36.16 -20.75 3.22
N LEU A 409 35.69 -19.88 2.31
CA LEU A 409 34.47 -20.16 1.56
C LEU A 409 34.66 -21.27 0.52
N LEU A 410 35.87 -21.38 -0.01
CA LEU A 410 36.17 -22.33 -1.08
C LEU A 410 36.70 -23.64 -0.51
N PRO A 411 35.93 -24.73 -0.68
CA PRO A 411 36.23 -26.02 -0.07
C PRO A 411 37.65 -26.53 -0.35
N SER A 412 38.19 -26.23 -1.52
CA SER A 412 39.46 -26.81 -1.95
C SER A 412 40.70 -26.13 -1.34
N ASN A 413 40.50 -24.96 -0.76
CA ASN A 413 41.60 -24.18 -0.18
C ASN A 413 41.07 -23.19 0.85
N SER A 414 41.14 -23.56 2.12
CA SER A 414 40.56 -22.76 3.18
C SER A 414 41.31 -21.44 3.38
N SER A 415 42.50 -21.35 2.78
CA SER A 415 43.28 -20.13 2.84
C SER A 415 42.83 -19.11 1.79
N ALA A 416 42.06 -19.55 0.81
CA ALA A 416 41.66 -18.68 -0.30
C ALA A 416 40.71 -17.58 0.18
N SER A 417 41.06 -16.33 -0.11
CA SER A 417 40.25 -15.18 0.27
C SER A 417 39.30 -14.79 -0.85
N LEU A 418 38.12 -14.33 -0.47
CA LEU A 418 37.26 -13.60 -1.40
C LEU A 418 37.05 -12.17 -0.91
N SER A 419 37.11 -11.23 -1.83
CA SER A 419 36.81 -9.85 -1.54
C SER A 419 35.41 -9.52 -2.02
N ILE A 420 34.49 -9.33 -1.09
CA ILE A 420 33.07 -9.35 -1.42
C ILE A 420 32.42 -8.00 -1.14
N PRO A 421 31.81 -7.39 -2.17
CA PRO A 421 31.01 -6.18 -1.98
C PRO A 421 29.86 -6.47 -1.04
N GLN A 422 29.38 -5.45 -0.34
CA GLN A 422 28.19 -5.61 0.48
C GLN A 422 27.01 -6.02 -0.39
N PHE A 423 26.30 -7.08 0.02
CA PHE A 423 25.03 -7.45 -0.59
C PHE A 423 23.88 -6.97 0.27
N VAL A 424 24.19 -6.62 1.51
CA VAL A 424 23.20 -6.09 2.44
C VAL A 424 23.60 -4.66 2.82
N VAL A 425 22.67 -3.73 2.67
CA VAL A 425 22.94 -2.33 2.91
C VAL A 425 22.03 -1.83 4.03
N SER A 426 22.65 -1.42 5.14
CA SER A 426 21.88 -0.87 6.25
C SER A 426 21.31 0.49 5.89
N HIS A 427 19.99 0.62 6.02
CA HIS A 427 19.36 1.92 5.98
C HIS A 427 18.95 2.33 7.38
N GLY A 428 19.58 1.70 8.37
CA GLY A 428 19.47 2.10 9.75
C GLY A 428 18.23 1.54 10.43
N GLY A 429 17.84 2.17 11.52
CA GLY A 429 16.78 1.64 12.37
C GLY A 429 16.81 2.31 13.73
N GLU A 430 16.19 1.67 14.71
CA GLU A 430 16.15 2.23 16.05
C GLU A 430 16.08 1.09 17.06
N TYR A 431 16.49 1.40 18.29
CA TYR A 431 16.29 0.51 19.43
C TYR A 431 15.03 0.91 20.19
N PHE A 432 14.15 -0.06 20.41
CA PHE A 432 12.91 0.19 21.15
C PHE A 432 12.83 -0.71 22.38
N PHE A 433 11.92 -0.37 23.29
CA PHE A 433 11.55 -1.27 24.37
C PHE A 433 10.09 -1.69 24.22
N SER A 434 9.86 -2.99 24.02
CA SER A 434 8.51 -3.53 24.03
C SER A 434 8.15 -3.87 25.47
N PRO A 435 7.26 -3.07 26.06
CA PRO A 435 6.93 -3.27 27.46
C PRO A 435 6.01 -4.47 27.63
N PRO A 436 5.94 -5.00 28.86
CA PRO A 436 4.87 -5.95 29.18
C PRO A 436 3.51 -5.27 29.00
N ILE A 437 2.49 -6.05 28.69
CA ILE A 437 1.19 -5.48 28.33
C ILE A 437 0.61 -4.66 29.47
N SER A 438 0.86 -5.11 30.70
CA SER A 438 0.37 -4.42 31.90
C SER A 438 0.86 -2.98 31.99
N ALA A 439 2.03 -2.71 31.42
CA ALA A 439 2.64 -1.38 31.52
C ALA A 439 2.00 -0.39 30.53
N ILE A 440 1.39 -0.92 29.48
CA ILE A 440 0.88 -0.07 28.41
C ILE A 440 -0.29 0.79 28.88
N GLY A 441 -1.27 0.15 29.51
CA GLY A 441 -2.36 0.87 30.17
C GLY A 441 -2.07 1.13 31.65
N GLY A 442 -0.92 0.66 32.12
CA GLY A 442 -0.46 0.96 33.47
C GLY A 442 0.45 2.18 33.53
N ARG A 443 1.73 1.96 33.80
CA ARG A 443 2.68 3.06 33.99
C ARG A 443 2.71 4.04 32.82
N LEU A 444 2.73 3.50 31.59
CA LEU A 444 2.95 4.33 30.42
C LEU A 444 1.78 5.26 30.12
N SER A 445 0.61 4.91 30.64
CA SER A 445 -0.59 5.75 30.48
C SER A 445 -0.82 6.65 31.69
N ALA A 446 0.02 6.52 32.71
CA ALA A 446 -0.19 7.21 33.97
C ALA A 446 0.32 8.65 33.95
N LEU B 2 -16.88 0.12 -35.34
CA LEU B 2 -16.05 0.48 -34.15
C LEU B 2 -15.05 -0.63 -33.82
N ASN B 3 -13.77 -0.31 -33.90
CA ASN B 3 -12.71 -1.28 -33.67
C ASN B 3 -12.34 -1.34 -32.19
N THR B 4 -13.07 -2.15 -31.43
CA THR B 4 -12.92 -2.17 -29.98
C THR B 4 -11.63 -2.88 -29.55
N ASP B 5 -11.00 -3.58 -30.49
CA ASP B 5 -9.70 -4.18 -30.25
C ASP B 5 -8.64 -3.11 -30.02
N ASP B 6 -8.88 -1.91 -30.54
CA ASP B 6 -7.86 -0.87 -30.54
C ASP B 6 -8.17 0.24 -29.53
N ILE B 7 -9.26 0.07 -28.78
CA ILE B 7 -9.67 1.07 -27.80
C ILE B 7 -9.33 0.58 -26.40
N GLN B 8 -8.75 1.46 -25.59
CA GLN B 8 -8.36 1.09 -24.24
C GLN B 8 -9.58 0.78 -23.36
N GLY B 9 -9.46 -0.27 -22.56
CA GLY B 9 -10.62 -0.88 -21.92
C GLY B 9 -11.39 0.02 -20.98
N ASP B 10 -10.68 0.87 -20.24
CA ASP B 10 -11.31 1.68 -19.20
C ASP B 10 -12.32 2.67 -19.80
N ILE B 11 -12.09 3.05 -21.06
CA ILE B 11 -12.92 4.07 -21.69
C ILE B 11 -14.39 3.65 -21.83
N LEU B 12 -14.62 2.44 -22.33
CA LEU B 12 -15.97 2.00 -22.67
C LEU B 12 -16.55 0.97 -21.71
N VAL B 13 -15.70 0.24 -21.00
CA VAL B 13 -16.19 -0.83 -20.13
C VAL B 13 -15.81 -0.68 -18.66
N GLY B 14 -14.73 0.04 -18.39
CA GLY B 14 -14.16 0.10 -17.04
C GLY B 14 -13.21 -1.07 -16.78
N MET B 15 -12.43 -0.97 -15.72
CA MET B 15 -11.36 -1.93 -15.47
C MET B 15 -11.85 -3.26 -14.89
N HIS B 16 -12.98 -3.23 -14.19
CA HIS B 16 -13.61 -4.45 -13.69
C HIS B 16 -12.76 -5.16 -12.64
N LYS B 17 -12.08 -4.40 -11.79
CA LYS B 17 -11.22 -4.98 -10.76
C LYS B 17 -11.45 -4.34 -9.38
N GLN B 18 -11.07 -5.07 -8.34
CA GLN B 18 -11.27 -4.62 -6.96
C GLN B 18 -10.39 -3.42 -6.64
N LYS B 19 -9.15 -3.45 -7.12
CA LYS B 19 -8.19 -2.40 -6.80
C LYS B 19 -7.74 -1.68 -8.06
N GLN B 20 -7.48 -0.39 -7.94
CA GLN B 20 -6.81 0.36 -9.00
C GLN B 20 -5.74 1.25 -8.41
N LEU B 21 -4.67 1.48 -9.18
CA LEU B 21 -3.69 2.50 -8.87
C LEU B 21 -3.64 3.50 -10.01
N PHE B 22 -3.64 4.79 -9.67
CA PHE B 22 -3.34 5.85 -10.63
C PHE B 22 -1.91 6.33 -10.41
N TYR B 23 -1.05 6.08 -11.39
CA TYR B 23 0.38 6.34 -11.25
C TYR B 23 0.74 7.50 -12.17
N PHE B 24 0.98 8.67 -11.60
CA PHE B 24 1.21 9.88 -12.39
C PHE B 24 2.71 10.12 -12.55
N PHE B 25 3.16 10.25 -13.80
CA PHE B 25 4.59 10.22 -14.10
C PHE B 25 5.06 11.40 -14.94
N ALA B 26 6.35 11.69 -14.85
CA ALA B 26 7.03 12.54 -15.82
C ALA B 26 7.97 11.70 -16.69
N ILE B 27 8.17 12.15 -17.92
CA ILE B 27 9.13 11.53 -18.83
C ILE B 27 10.44 12.32 -18.79
N ASN B 28 11.55 11.63 -18.57
CA ASN B 28 12.85 12.29 -18.44
C ASN B 28 13.70 12.19 -19.71
N ASP B 29 13.60 11.06 -20.39
CA ASP B 29 14.48 10.74 -21.50
C ASP B 29 13.66 10.07 -22.60
N PRO B 30 13.15 10.89 -23.53
CA PRO B 30 12.15 10.46 -24.51
C PRO B 30 12.57 9.22 -25.30
N ALA B 31 13.81 9.20 -25.77
CA ALA B 31 14.28 8.08 -26.59
C ALA B 31 14.20 6.76 -25.82
N THR B 32 14.68 6.79 -24.58
CA THR B 32 14.61 5.61 -23.71
C THR B 32 13.16 5.27 -23.37
N PHE B 33 12.39 6.28 -22.97
CA PHE B 33 10.97 6.09 -22.68
C PHE B 33 10.25 5.41 -23.84
N LYS B 34 10.48 5.90 -25.05
CA LYS B 34 9.79 5.41 -26.23
C LYS B 34 10.05 3.93 -26.49
N THR B 35 11.30 3.50 -26.33
CA THR B 35 11.65 2.11 -26.54
C THR B 35 10.82 1.20 -25.64
N HIS B 36 10.74 1.55 -24.36
CA HIS B 36 10.03 0.71 -23.40
C HIS B 36 8.51 0.89 -23.49
N LEU B 37 8.05 2.05 -23.94
CA LEU B 37 6.63 2.23 -24.23
C LEU B 37 6.18 1.19 -25.26
N ALA B 38 7.02 0.97 -26.28
CA ALA B 38 6.67 0.06 -27.36
C ALA B 38 6.88 -1.40 -27.00
N SER B 39 8.00 -1.68 -26.33
N SER B 39 8.03 -1.71 -26.39
CA SER B 39 8.41 -3.07 -26.10
CA SER B 39 8.37 -3.10 -26.09
C SER B 39 7.80 -3.66 -24.82
C SER B 39 7.57 -3.64 -24.91
N ASP B 40 7.37 -2.79 -23.91
CA ASP B 40 6.97 -3.28 -22.58
C ASP B 40 5.55 -2.88 -22.16
N ILE B 41 5.11 -1.69 -22.54
CA ILE B 41 3.76 -1.26 -22.22
C ILE B 41 2.75 -1.68 -23.30
N ALA B 42 3.02 -1.33 -24.55
CA ALA B 42 2.08 -1.54 -25.63
C ALA B 42 1.42 -2.92 -25.63
N PRO B 43 2.23 -3.99 -25.49
CA PRO B 43 1.70 -5.34 -25.67
C PRO B 43 0.79 -5.79 -24.53
N VAL B 44 0.78 -5.04 -23.43
CA VAL B 44 -0.01 -5.43 -22.26
C VAL B 44 -1.11 -4.43 -21.90
N VAL B 45 -1.40 -3.49 -22.81
CA VAL B 45 -2.53 -2.59 -22.62
C VAL B 45 -3.85 -3.31 -22.88
N ALA B 46 -4.78 -3.22 -21.94
CA ALA B 46 -6.04 -3.93 -22.03
C ALA B 46 -7.04 -3.19 -22.93
N SER B 47 -7.65 -3.93 -23.86
CA SER B 47 -8.61 -3.35 -24.79
C SER B 47 -10.05 -3.50 -24.30
N VAL B 48 -10.96 -2.77 -24.95
CA VAL B 48 -12.39 -2.88 -24.68
C VAL B 48 -12.91 -4.28 -24.99
N THR B 49 -12.44 -4.86 -26.09
CA THR B 49 -12.80 -6.23 -26.45
C THR B 49 -12.41 -7.19 -25.32
N GLN B 50 -11.17 -7.08 -24.88
CA GLN B 50 -10.64 -7.91 -23.81
C GLN B 50 -11.52 -7.86 -22.55
N LEU B 51 -11.81 -6.65 -22.09
CA LEU B 51 -12.50 -6.46 -20.83
C LEU B 51 -14.00 -6.67 -20.95
N SER B 52 -14.52 -6.65 -22.19
CA SER B 52 -15.94 -6.81 -22.44
C SER B 52 -16.42 -8.23 -22.10
N ASN B 53 -15.51 -9.18 -22.14
CA ASN B 53 -15.83 -10.55 -21.79
C ASN B 53 -15.12 -10.96 -20.51
N VAL B 54 -15.88 -11.38 -19.51
CA VAL B 54 -15.29 -11.87 -18.27
C VAL B 54 -14.19 -12.88 -18.55
N ALA B 55 -14.36 -13.65 -19.62
CA ALA B 55 -13.48 -14.76 -19.92
C ALA B 55 -12.06 -14.31 -20.27
N THR B 56 -11.96 -13.13 -20.88
CA THR B 56 -10.68 -12.67 -21.44
C THR B 56 -10.05 -11.54 -20.64
N GLN B 57 -10.63 -11.24 -19.48
CA GLN B 57 -10.05 -10.23 -18.60
C GLN B 57 -8.74 -10.72 -17.99
N PRO B 58 -7.70 -9.87 -18.02
CA PRO B 58 -6.35 -10.23 -17.62
C PRO B 58 -6.17 -10.17 -16.11
N LEU B 59 -5.07 -10.74 -15.63
CA LEU B 59 -4.73 -10.71 -14.21
C LEU B 59 -4.53 -9.27 -13.74
N VAL B 60 -3.71 -8.52 -14.46
CA VAL B 60 -3.58 -7.09 -14.26
C VAL B 60 -3.99 -6.35 -15.52
N ALA B 61 -5.00 -5.47 -15.39
CA ALA B 61 -5.39 -4.61 -16.50
C ALA B 61 -4.63 -3.29 -16.46
N LEU B 62 -4.06 -2.90 -17.59
CA LEU B 62 -3.27 -1.69 -17.65
C LEU B 62 -3.79 -0.77 -18.76
N ASN B 63 -4.03 0.48 -18.42
CA ASN B 63 -4.27 1.54 -19.40
C ASN B 63 -3.24 2.65 -19.21
N ILE B 64 -3.06 3.49 -20.22
CA ILE B 64 -2.12 4.60 -20.09
C ILE B 64 -2.60 5.83 -20.89
N ALA B 65 -2.38 7.00 -20.32
CA ALA B 65 -2.85 8.24 -20.95
C ALA B 65 -1.82 9.34 -20.77
N PHE B 66 -1.81 10.29 -21.70
CA PHE B 66 -0.80 11.34 -21.69
C PHE B 66 -1.42 12.72 -21.62
N SER B 67 -0.76 13.61 -20.88
CA SER B 67 -1.15 15.01 -20.87
C SER B 67 -0.60 15.69 -22.11
N ASN B 68 -1.02 16.92 -22.32
CA ASN B 68 -0.46 17.74 -23.39
C ASN B 68 1.06 17.81 -23.30
N THR B 69 1.58 18.09 -22.10
CA THR B 69 3.01 18.24 -21.93
C THR B 69 3.75 16.91 -22.08
N GLY B 70 3.05 15.81 -21.83
CA GLY B 70 3.60 14.48 -22.07
C GLY B 70 3.77 14.18 -23.54
N LEU B 71 2.72 14.47 -24.31
CA LEU B 71 2.80 14.37 -25.77
C LEU B 71 3.93 15.25 -26.32
N LEU B 72 4.05 16.47 -25.82
CA LEU B 72 5.12 17.36 -26.25
C LEU B 72 6.50 16.82 -25.91
N ALA B 73 6.61 16.21 -24.74
CA ALA B 73 7.86 15.57 -24.32
C ALA B 73 8.27 14.46 -25.27
N LEU B 74 7.27 13.80 -25.86
CA LEU B 74 7.51 12.71 -26.80
C LEU B 74 7.73 13.22 -28.22
N GLY B 75 7.69 14.54 -28.39
CA GLY B 75 7.89 15.14 -29.71
C GLY B 75 6.65 15.09 -30.56
N VAL B 76 5.50 14.83 -29.94
CA VAL B 76 4.24 14.81 -30.66
C VAL B 76 3.58 16.18 -30.58
N THR B 77 3.68 16.93 -31.68
CA THR B 77 3.25 18.33 -31.69
C THR B 77 1.90 18.49 -32.38
N ASP B 78 1.30 17.38 -32.80
CA ASP B 78 0.03 17.39 -33.51
C ASP B 78 -1.06 18.01 -32.65
N ASN B 79 -1.95 18.75 -33.29
CA ASN B 79 -3.12 19.31 -32.60
C ASN B 79 -4.22 18.26 -32.45
N LEU B 80 -4.56 17.94 -31.21
CA LEU B 80 -5.56 16.92 -30.92
C LEU B 80 -6.98 17.48 -31.02
N GLY B 81 -7.07 18.79 -31.18
CA GLY B 81 -8.35 19.45 -31.44
C GLY B 81 -9.12 19.83 -30.19
N ASP B 82 -8.44 19.79 -29.04
CA ASP B 82 -9.09 20.09 -27.77
C ASP B 82 -8.28 21.12 -26.98
N SER B 83 -8.76 22.36 -26.97
N SER B 83 -8.78 22.35 -26.94
CA SER B 83 -8.05 23.45 -26.30
CA SER B 83 -8.06 23.46 -26.31
C SER B 83 -7.92 23.21 -24.81
C SER B 83 -7.98 23.34 -24.80
N LEU B 84 -9.00 22.73 -24.19
CA LEU B 84 -9.00 22.50 -22.75
C LEU B 84 -7.93 21.48 -22.36
N PHE B 85 -7.82 20.40 -23.13
CA PHE B 85 -6.77 19.43 -22.93
C PHE B 85 -5.39 20.07 -23.09
N ALA B 86 -5.22 20.86 -24.13
CA ALA B 86 -3.94 21.49 -24.41
C ALA B 86 -3.47 22.33 -23.22
N ASN B 87 -4.39 23.03 -22.57
CA ASN B 87 -4.03 24.01 -21.56
C ASN B 87 -3.94 23.43 -20.15
N GLY B 88 -4.48 22.24 -19.95
CA GLY B 88 -4.36 21.55 -18.66
C GLY B 88 -5.48 21.93 -17.71
N GLN B 89 -5.78 21.05 -16.75
CA GLN B 89 -6.91 21.28 -15.86
C GLN B 89 -6.67 22.42 -14.87
N ALA B 90 -5.42 22.59 -14.44
CA ALA B 90 -5.11 23.67 -13.50
C ALA B 90 -5.56 25.03 -14.03
N LYS B 91 -5.31 25.26 -15.32
CA LYS B 91 -5.73 26.51 -15.96
C LYS B 91 -7.23 26.59 -16.12
N ASP B 92 -7.90 25.44 -16.09
CA ASP B 92 -9.34 25.39 -16.27
C ASP B 92 -10.10 25.53 -14.95
N ALA B 93 -9.37 25.56 -13.84
CA ALA B 93 -9.98 25.48 -12.52
C ALA B 93 -10.93 26.64 -12.25
N THR B 94 -10.61 27.82 -12.79
CA THR B 94 -11.46 28.99 -12.59
C THR B 94 -12.84 28.81 -13.21
N SER B 95 -12.93 27.96 -14.23
CA SER B 95 -14.22 27.64 -14.85
C SER B 95 -15.17 27.00 -13.85
N PHE B 96 -14.61 26.37 -12.82
CA PHE B 96 -15.41 25.64 -11.85
C PHE B 96 -15.45 26.41 -10.52
N LYS B 97 -15.09 27.67 -10.58
CA LYS B 97 -15.08 28.53 -9.39
C LYS B 97 -14.38 27.82 -8.23
N GLU B 98 -13.17 27.34 -8.50
CA GLU B 98 -12.35 26.75 -7.47
C GLU B 98 -10.90 27.23 -7.62
N SER B 99 -10.18 27.21 -6.51
CA SER B 99 -8.78 27.61 -6.50
C SER B 99 -7.90 26.37 -6.48
N THR B 100 -6.70 26.47 -7.07
CA THR B 100 -5.77 25.36 -7.08
C THR B 100 -4.93 25.30 -5.79
N SER B 101 -5.20 26.21 -4.87
CA SER B 101 -4.38 26.32 -3.66
C SER B 101 -4.54 25.14 -2.71
N SER B 102 -5.64 24.40 -2.84
CA SER B 102 -5.86 23.21 -2.04
C SER B 102 -5.56 21.92 -2.82
N TRP B 103 -5.08 22.08 -4.04
CA TRP B 103 -4.81 20.93 -4.91
C TRP B 103 -3.61 20.15 -4.41
N VAL B 104 -3.57 18.85 -4.73
CA VAL B 104 -2.32 18.13 -4.76
C VAL B 104 -1.31 18.95 -5.55
N PRO B 105 -0.19 19.32 -4.92
CA PRO B 105 0.78 20.23 -5.54
C PRO B 105 1.14 19.81 -6.96
N GLN B 106 1.29 18.51 -7.18
CA GLN B 106 1.70 18.00 -8.50
C GLN B 106 0.65 18.25 -9.58
N PHE B 107 -0.61 18.42 -9.19
CA PHE B 107 -1.67 18.71 -10.14
C PHE B 107 -1.72 20.18 -10.53
N ALA B 108 -1.19 21.03 -9.66
CA ALA B 108 -1.31 22.47 -9.81
C ALA B 108 -0.22 23.01 -10.72
N GLY B 109 -0.28 22.63 -11.99
CA GLY B 109 0.80 22.85 -12.93
C GLY B 109 0.65 21.92 -14.11
N THR B 110 1.68 21.80 -14.93
CA THR B 110 1.67 20.82 -16.02
C THR B 110 2.95 19.99 -16.04
N GLY B 111 3.46 19.67 -14.85
CA GLY B 111 4.63 18.80 -14.73
C GLY B 111 4.30 17.35 -15.01
N ILE B 112 3.04 16.97 -14.81
CA ILE B 112 2.64 15.58 -15.03
C ILE B 112 2.47 15.30 -16.52
N HIS B 113 3.19 14.28 -17.00
CA HIS B 113 3.20 13.95 -18.42
C HIS B 113 2.20 12.85 -18.78
N GLY B 114 1.78 12.09 -17.78
CA GLY B 114 0.78 11.05 -18.03
C GLY B 114 0.39 10.25 -16.81
N VAL B 115 -0.48 9.27 -17.02
CA VAL B 115 -0.92 8.42 -15.94
C VAL B 115 -1.00 7.00 -16.44
N ILE B 116 -0.46 6.08 -15.63
CA ILE B 116 -0.69 4.67 -15.85
C ILE B 116 -1.78 4.21 -14.89
N ILE B 117 -2.83 3.61 -15.43
CA ILE B 117 -3.86 3.02 -14.59
C ILE B 117 -3.64 1.52 -14.49
N LEU B 118 -3.35 1.03 -13.29
CA LEU B 118 -3.25 -0.40 -13.04
C LEU B 118 -4.46 -0.87 -12.24
N ALA B 119 -5.05 -1.98 -12.67
CA ALA B 119 -6.21 -2.55 -11.99
C ALA B 119 -6.02 -4.05 -11.82
N SER B 120 -6.34 -4.55 -10.63
CA SER B 120 -6.22 -5.97 -10.34
C SER B 120 -7.07 -6.28 -9.12
N ASP B 121 -7.29 -7.57 -8.87
CA ASP B 121 -8.13 -7.96 -7.74
C ASP B 121 -7.35 -7.99 -6.43
N THR B 122 -6.03 -7.85 -6.51
CA THR B 122 -5.21 -7.65 -5.31
C THR B 122 -4.23 -6.49 -5.45
N THR B 123 -3.91 -5.86 -4.32
CA THR B 123 -2.92 -4.78 -4.32
C THR B 123 -1.52 -5.32 -4.61
N ASP B 124 -1.27 -6.56 -4.21
CA ASP B 124 0.04 -7.18 -4.43
C ASP B 124 0.39 -7.28 -5.91
N LEU B 125 -0.57 -7.70 -6.72
CA LEU B 125 -0.35 -7.82 -8.15
C LEU B 125 -0.05 -6.45 -8.79
N ILE B 126 -0.76 -5.42 -8.33
CA ILE B 126 -0.50 -4.05 -8.76
C ILE B 126 0.91 -3.61 -8.37
N ASP B 127 1.28 -3.86 -7.11
CA ASP B 127 2.57 -3.40 -6.59
C ASP B 127 3.74 -4.05 -7.33
N GLN B 128 3.60 -5.32 -7.66
CA GLN B 128 4.65 -6.01 -8.39
C GLN B 128 4.74 -5.52 -9.83
N GLN B 129 3.60 -5.15 -10.40
CA GLN B 129 3.57 -4.59 -11.75
C GLN B 129 4.21 -3.20 -11.79
N VAL B 130 3.99 -2.41 -10.73
CA VAL B 130 4.64 -1.11 -10.62
C VAL B 130 6.15 -1.25 -10.51
N ALA B 131 6.59 -2.21 -9.69
CA ALA B 131 8.01 -2.50 -9.56
C ALA B 131 8.61 -2.79 -10.92
N SER B 132 7.90 -3.60 -11.71
CA SER B 132 8.41 -4.05 -13.01
C SER B 132 8.48 -2.91 -14.02
N ILE B 133 7.49 -2.03 -13.97
CA ILE B 133 7.44 -0.86 -14.83
C ILE B 133 8.60 0.09 -14.53
N GLU B 134 8.81 0.36 -13.25
CA GLU B 134 9.89 1.24 -12.81
C GLU B 134 11.27 0.70 -13.18
N SER B 135 11.48 -0.60 -12.97
CA SER B 135 12.78 -1.20 -13.30
C SER B 135 13.01 -1.25 -14.81
N THR B 136 11.93 -1.46 -15.57
CA THR B 136 12.01 -1.50 -17.02
C THR B 136 12.38 -0.14 -17.59
N PHE B 137 11.69 0.90 -17.13
CA PHE B 137 11.90 2.25 -17.64
C PHE B 137 13.16 2.90 -17.04
N GLY B 138 13.51 2.48 -15.83
CA GLY B 138 14.64 3.07 -15.12
C GLY B 138 14.49 4.57 -14.98
N SER B 139 15.57 5.29 -15.24
CA SER B 139 15.61 6.74 -15.02
C SER B 139 14.82 7.52 -16.08
N SER B 140 14.26 6.81 -17.06
CA SER B 140 13.50 7.48 -18.13
C SER B 140 12.12 7.93 -17.67
N ILE B 141 11.71 7.47 -16.49
CA ILE B 141 10.42 7.85 -15.92
C ILE B 141 10.59 8.32 -14.48
N SER B 142 9.84 9.35 -14.08
CA SER B 142 9.76 9.75 -12.68
C SER B 142 8.33 9.66 -12.17
N LYS B 143 8.16 9.09 -10.98
CA LYS B 143 6.87 9.12 -10.31
C LYS B 143 6.66 10.47 -9.64
N LEU B 144 5.56 11.14 -9.98
CA LEU B 144 5.26 12.45 -9.41
C LEU B 144 4.22 12.34 -8.30
N TYR B 145 3.29 11.40 -8.47
CA TYR B 145 2.17 11.25 -7.55
C TYR B 145 1.47 9.94 -7.87
N SER B 146 0.84 9.34 -6.86
CA SER B 146 -0.08 8.23 -7.12
C SER B 146 -1.26 8.21 -6.16
N LEU B 147 -2.36 7.61 -6.61
CA LEU B 147 -3.53 7.43 -5.78
C LEU B 147 -4.01 5.99 -5.88
N SER B 148 -4.05 5.31 -4.74
CA SER B 148 -4.63 3.97 -4.67
C SER B 148 -6.14 4.04 -4.42
N ALA B 149 -6.87 3.13 -5.05
CA ALA B 149 -8.33 3.15 -4.98
C ALA B 149 -8.86 1.73 -4.88
N SER B 150 -10.11 1.60 -4.45
CA SER B 150 -10.68 0.28 -4.19
C SER B 150 -12.20 0.31 -4.23
N ILE B 151 -12.78 -0.76 -4.77
CA ILE B 151 -14.17 -1.10 -4.53
C ILE B 151 -14.39 -1.24 -3.03
N ARG B 152 -15.51 -0.72 -2.53
CA ARG B 152 -15.81 -0.77 -1.12
C ARG B 152 -16.26 -2.16 -0.70
N PRO B 153 -16.16 -2.47 0.60
CA PRO B 153 -16.25 -3.86 1.05
C PRO B 153 -17.69 -4.38 1.10
N GLY B 154 -17.85 -5.69 0.95
CA GLY B 154 -19.10 -6.36 1.27
C GLY B 154 -20.31 -5.79 0.55
N ASN B 155 -21.34 -5.44 1.33
CA ASN B 155 -22.60 -4.97 0.79
C ASN B 155 -22.49 -3.60 0.11
N GLU B 156 -21.39 -2.91 0.37
CA GLU B 156 -21.20 -1.57 -0.18
C GLU B 156 -20.35 -1.62 -1.45
N ALA B 157 -20.05 -2.82 -1.92
CA ALA B 157 -19.33 -2.98 -3.18
C ALA B 157 -20.12 -2.35 -4.31
N GLY B 158 -19.49 -1.44 -5.05
CA GLY B 158 -20.17 -0.72 -6.12
C GLY B 158 -20.82 0.57 -5.64
N HIS B 159 -20.79 0.80 -4.33
CA HIS B 159 -21.26 2.07 -3.78
C HIS B 159 -20.05 3.00 -3.59
N GLU B 160 -20.29 4.30 -3.66
CA GLU B 160 -19.24 5.25 -3.32
C GLU B 160 -19.30 5.62 -1.85
N MET B 161 -18.45 6.57 -1.43
CA MET B 161 -18.19 6.78 -0.01
C MET B 161 -19.37 7.35 0.76
N PHE B 162 -20.26 8.08 0.07
CA PHE B 162 -21.49 8.58 0.70
C PHE B 162 -22.48 7.43 0.92
N GLY B 163 -22.27 6.34 0.21
CA GLY B 163 -23.06 5.12 0.40
C GLY B 163 -24.01 4.79 -0.74
N PHE B 164 -23.92 5.55 -1.83
CA PHE B 164 -24.84 5.36 -2.96
C PHE B 164 -24.29 4.42 -4.02
N LEU B 165 -25.13 3.51 -4.49
CA LEU B 165 -24.77 2.66 -5.62
C LEU B 165 -24.41 3.51 -6.82
N ASP B 166 -23.28 3.20 -7.45
N ASP B 166 -23.25 3.23 -7.41
CA ASP B 166 -22.74 4.03 -8.51
CA ASP B 166 -22.76 4.04 -8.52
C ASP B 166 -22.39 3.20 -9.74
C ASP B 166 -22.62 3.20 -9.79
N GLY B 167 -22.27 3.85 -10.89
CA GLY B 167 -22.05 3.14 -12.15
C GLY B 167 -23.29 2.43 -12.66
N ILE B 168 -24.45 2.98 -12.34
CA ILE B 168 -25.70 2.52 -12.95
C ILE B 168 -25.84 3.06 -14.36
N ALA B 169 -25.61 4.37 -14.51
CA ALA B 169 -26.02 5.08 -15.72
C ALA B 169 -24.83 5.50 -16.59
N GLN B 170 -24.82 5.03 -17.84
CA GLN B 170 -23.82 5.43 -18.82
C GLN B 170 -24.51 5.62 -20.18
N PRO B 171 -23.93 6.43 -21.06
CA PRO B 171 -24.47 6.45 -22.42
C PRO B 171 -24.25 5.11 -23.09
N ALA B 172 -25.25 4.66 -23.85
CA ALA B 172 -25.06 3.52 -24.74
C ALA B 172 -24.48 4.00 -26.07
N ILE B 173 -23.41 3.36 -26.51
CA ILE B 173 -22.80 3.69 -27.79
C ILE B 173 -23.54 2.97 -28.90
N ASN B 174 -24.22 3.74 -29.75
CA ASN B 174 -24.97 3.17 -30.87
C ASN B 174 -24.08 2.31 -31.75
N GLY B 175 -24.46 1.04 -31.91
CA GLY B 175 -23.71 0.12 -32.73
C GLY B 175 -22.71 -0.72 -31.95
N PHE B 176 -22.55 -0.40 -30.67
CA PHE B 176 -21.69 -1.19 -29.80
C PHE B 176 -22.46 -1.72 -28.60
N ASN B 177 -23.14 -0.82 -27.88
CA ASN B 177 -23.91 -1.21 -26.70
C ASN B 177 -25.33 -1.62 -27.06
N THR B 178 -25.82 -2.65 -26.40
CA THR B 178 -27.25 -2.95 -26.38
C THR B 178 -27.92 -2.11 -25.32
N PRO B 179 -28.72 -1.12 -25.74
CA PRO B 179 -29.27 -0.13 -24.81
C PRO B 179 -30.17 -0.77 -23.76
N LEU B 180 -30.09 -0.25 -22.53
CA LEU B 180 -31.04 -0.61 -21.48
C LEU B 180 -32.18 0.40 -21.44
N PRO B 181 -33.33 -0.01 -20.88
CA PRO B 181 -34.47 0.91 -20.80
C PRO B 181 -34.10 2.24 -20.16
N GLY B 182 -34.37 3.33 -20.87
CA GLY B 182 -34.13 4.68 -20.35
C GLY B 182 -32.77 5.23 -20.71
N GLN B 183 -31.85 4.34 -21.06
CA GLN B 183 -30.47 4.71 -21.35
C GLN B 183 -30.40 5.62 -22.57
N ASN B 184 -29.59 6.67 -22.50
CA ASN B 184 -29.31 7.47 -23.68
C ASN B 184 -28.50 6.68 -24.70
N ILE B 185 -28.80 6.90 -25.98
CA ILE B 185 -28.08 6.23 -27.07
C ILE B 185 -27.41 7.30 -27.91
N VAL B 186 -26.10 7.20 -28.06
CA VAL B 186 -25.31 8.28 -28.65
C VAL B 186 -24.35 7.76 -29.71
N ASP B 187 -23.95 8.63 -30.63
CA ASP B 187 -22.91 8.31 -31.59
C ASP B 187 -21.59 8.04 -30.88
N ALA B 188 -20.84 7.06 -31.40
CA ALA B 188 -19.55 6.70 -30.82
C ALA B 188 -18.66 7.93 -30.67
N GLY B 189 -18.79 8.87 -31.59
CA GLY B 189 -17.90 10.02 -31.66
C GLY B 189 -18.09 11.00 -30.50
N VAL B 190 -19.15 10.82 -29.74
CA VAL B 190 -19.33 11.58 -28.51
C VAL B 190 -18.26 11.22 -27.47
N ILE B 191 -17.83 9.97 -27.47
CA ILE B 191 -16.87 9.48 -26.49
C ILE B 191 -15.51 9.18 -27.11
N ILE B 192 -15.52 8.64 -28.33
CA ILE B 192 -14.29 8.21 -28.96
C ILE B 192 -13.84 9.21 -30.02
N THR B 193 -12.62 9.74 -29.88
CA THR B 193 -12.12 10.70 -30.86
C THR B 193 -11.99 10.07 -32.25
N GLY B 194 -12.60 10.71 -33.24
CA GLY B 194 -12.52 10.26 -34.62
C GLY B 194 -13.56 9.21 -34.98
N ALA B 195 -14.36 8.81 -34.01
CA ALA B 195 -15.42 7.84 -34.26
C ALA B 195 -16.66 8.52 -34.86
N THR B 196 -17.69 7.73 -35.13
CA THR B 196 -18.85 8.21 -35.86
C THR B 196 -19.37 9.54 -35.36
N ASN B 197 -19.40 10.53 -36.25
CA ASN B 197 -20.03 11.82 -35.99
C ASN B 197 -19.30 12.72 -34.98
N ASP B 198 -18.04 12.40 -34.73
CA ASP B 198 -17.13 13.36 -34.10
C ASP B 198 -16.73 14.41 -35.13
N PRO B 199 -17.18 15.66 -34.93
CA PRO B 199 -16.97 16.70 -35.94
C PRO B 199 -15.55 17.27 -35.94
N ILE B 200 -14.78 16.95 -34.91
CA ILE B 200 -13.45 17.54 -34.75
C ILE B 200 -12.38 16.68 -35.44
N THR B 201 -11.58 17.31 -36.29
CA THR B 201 -10.50 16.62 -36.98
C THR B 201 -9.41 16.23 -35.99
N ARG B 202 -8.98 14.98 -36.06
CA ARG B 202 -7.93 14.47 -35.19
C ARG B 202 -6.78 13.93 -36.04
N PRO B 203 -5.58 13.85 -35.45
CA PRO B 203 -4.53 13.08 -36.10
C PRO B 203 -4.98 11.63 -36.28
N SER B 204 -4.67 11.03 -37.43
CA SER B 204 -5.12 9.66 -37.69
C SER B 204 -4.73 8.71 -36.55
N TRP B 205 -3.54 8.89 -35.98
CA TRP B 205 -3.07 7.98 -34.93
C TRP B 205 -3.91 8.09 -33.65
N ALA B 206 -4.69 9.16 -33.54
CA ALA B 206 -5.52 9.38 -32.35
C ALA B 206 -6.96 8.88 -32.48
N VAL B 207 -7.31 8.38 -33.66
CA VAL B 207 -8.65 7.82 -33.88
C VAL B 207 -8.80 6.53 -33.08
N GLY B 208 -9.80 6.50 -32.20
CA GLY B 208 -9.97 5.38 -31.28
C GLY B 208 -9.64 5.71 -29.85
N GLY B 209 -9.18 6.94 -29.62
CA GLY B 209 -8.86 7.40 -28.27
C GLY B 209 -10.01 8.12 -27.58
N SER B 210 -9.74 8.64 -26.38
CA SER B 210 -10.71 9.45 -25.64
C SER B 210 -9.98 10.34 -24.65
N PHE B 211 -10.61 11.46 -24.27
CA PHE B 211 -10.02 12.35 -23.28
C PHE B 211 -10.46 11.96 -21.89
N LEU B 212 -9.48 11.90 -20.99
CA LEU B 212 -9.69 11.43 -19.63
C LEU B 212 -9.60 12.62 -18.69
N ALA B 213 -10.74 13.01 -18.11
CA ALA B 213 -10.72 14.01 -17.05
C ALA B 213 -10.60 13.30 -15.70
N PHE B 214 -9.47 13.50 -15.04
CA PHE B 214 -9.27 12.96 -13.69
C PHE B 214 -9.48 14.04 -12.64
N ARG B 215 -10.20 13.68 -11.58
CA ARG B 215 -10.41 14.57 -10.44
C ARG B 215 -10.29 13.78 -9.14
N GLN B 216 -9.46 14.25 -8.22
CA GLN B 216 -9.43 13.66 -6.89
C GLN B 216 -10.39 14.41 -5.98
N LEU B 217 -11.55 13.79 -5.75
CA LEU B 217 -12.63 14.47 -5.06
C LEU B 217 -12.79 13.92 -3.64
N GLU B 218 -12.28 14.64 -2.66
CA GLU B 218 -12.44 14.25 -1.27
C GLU B 218 -13.90 14.37 -0.86
N GLN B 219 -14.37 13.38 -0.11
CA GLN B 219 -15.75 13.39 0.38
C GLN B 219 -15.79 13.45 1.90
N LEU B 220 -16.53 14.41 2.43
CA LEU B 220 -16.66 14.58 3.86
C LEU B 220 -17.91 13.85 4.37
N VAL B 221 -17.76 12.57 4.68
CA VAL B 221 -18.90 11.67 4.81
C VAL B 221 -19.66 11.88 6.14
N PRO B 222 -18.93 11.94 7.26
CA PRO B 222 -19.58 12.24 8.54
C PRO B 222 -20.30 13.58 8.51
N GLU B 223 -19.67 14.57 7.89
CA GLU B 223 -20.26 15.90 7.75
C GLU B 223 -21.54 15.86 6.90
N PHE B 224 -21.48 15.18 5.77
CA PHE B 224 -22.66 14.89 4.96
C PHE B 224 -23.79 14.30 5.79
N ASN B 225 -23.48 13.24 6.53
CA ASN B 225 -24.49 12.51 7.29
C ASN B 225 -25.16 13.37 8.36
N LYS B 226 -24.35 14.18 9.04
CA LYS B 226 -24.87 15.06 10.08
C LYS B 226 -25.77 16.14 9.49
N TYR B 227 -25.35 16.71 8.36
CA TYR B 227 -26.15 17.73 7.69
C TYR B 227 -27.55 17.23 7.36
N LEU B 228 -27.62 16.00 6.85
CA LEU B 228 -28.91 15.39 6.54
C LEU B 228 -29.77 15.28 7.78
N LEU B 229 -29.17 14.83 8.87
CA LEU B 229 -29.88 14.71 10.15
C LEU B 229 -30.37 16.07 10.63
N ASP B 230 -29.53 17.09 10.47
CA ASP B 230 -29.82 18.42 10.98
C ASP B 230 -30.88 19.14 10.15
N ASN B 231 -30.98 18.78 8.88
CA ASN B 231 -31.85 19.50 7.95
C ASN B 231 -32.94 18.63 7.33
N ALA B 232 -33.16 17.45 7.91
CA ALA B 232 -34.19 16.55 7.41
C ALA B 232 -35.54 17.24 7.38
N PRO B 233 -36.35 16.97 6.35
CA PRO B 233 -37.68 17.56 6.28
C PRO B 233 -38.56 17.07 7.43
N ALA B 234 -39.36 17.98 7.98
CA ALA B 234 -40.39 17.59 8.93
C ALA B 234 -41.28 16.54 8.30
N GLY B 235 -41.61 15.51 9.07
CA GLY B 235 -42.43 14.42 8.54
C GLY B 235 -42.73 13.39 9.61
N SER B 236 -43.43 12.33 9.20
CA SER B 236 -43.91 11.32 10.13
C SER B 236 -42.82 10.34 10.54
N GLY B 237 -41.90 10.05 9.63
CA GLY B 237 -40.91 9.00 9.86
C GLY B 237 -39.86 9.36 10.89
N SER B 238 -39.06 8.38 11.28
CA SER B 238 -37.90 8.62 12.15
C SER B 238 -36.98 9.66 11.53
N LEU B 239 -36.10 10.23 12.35
CA LEU B 239 -35.15 11.24 11.88
C LEU B 239 -34.25 10.68 10.78
N GLN B 240 -33.78 9.45 10.97
CA GLN B 240 -32.83 8.84 10.03
C GLN B 240 -33.50 8.51 8.70
N ALA B 241 -34.76 8.10 8.75
CA ALA B 241 -35.55 7.88 7.54
C ALA B 241 -35.71 9.19 6.75
N ARG B 242 -36.01 10.27 7.45
CA ARG B 242 -36.21 11.55 6.79
C ARG B 242 -34.87 12.18 6.36
N ALA B 243 -33.81 11.85 7.09
CA ALA B 243 -32.46 12.22 6.66
C ALA B 243 -32.11 11.50 5.36
N ASP B 244 -32.40 10.20 5.32
CA ASP B 244 -32.18 9.40 4.12
C ASP B 244 -32.92 9.99 2.92
N LEU B 245 -34.18 10.36 3.14
CA LEU B 245 -34.98 10.97 2.07
C LEU B 245 -34.30 12.21 1.51
N LEU B 246 -33.82 13.08 2.39
CA LEU B 246 -33.14 14.28 1.96
C LEU B 246 -31.90 13.95 1.14
N GLY B 247 -31.13 12.96 1.61
CA GLY B 247 -29.96 12.48 0.88
C GLY B 247 -30.30 12.01 -0.53
N ALA B 248 -31.34 11.19 -0.63
CA ALA B 248 -31.77 10.66 -1.92
C ALA B 248 -32.28 11.76 -2.83
N ARG B 249 -32.91 12.78 -2.26
CA ARG B 249 -33.39 13.90 -3.03
C ARG B 249 -32.26 14.82 -3.51
N MET B 250 -31.11 14.74 -2.85
CA MET B 250 -29.92 15.44 -3.32
C MET B 250 -29.28 14.74 -4.50
N VAL B 251 -29.20 13.41 -4.43
CA VAL B 251 -28.53 12.62 -5.45
C VAL B 251 -29.44 12.40 -6.66
N GLY B 252 -30.72 12.12 -6.39
CA GLY B 252 -31.64 11.69 -7.43
C GLY B 252 -31.88 10.19 -7.38
N ARG B 253 -31.18 9.53 -6.45
CA ARG B 253 -31.34 8.10 -6.25
C ARG B 253 -31.25 7.80 -4.76
N TRP B 254 -31.97 6.77 -4.32
CA TRP B 254 -31.71 6.18 -3.02
C TRP B 254 -30.35 5.48 -3.03
N LYS B 255 -29.82 5.19 -1.85
CA LYS B 255 -28.52 4.52 -1.77
C LYS B 255 -28.54 3.15 -2.44
N SER B 256 -29.73 2.58 -2.57
CA SER B 256 -29.89 1.27 -3.21
C SER B 256 -29.79 1.37 -4.74
N GLY B 257 -29.85 2.60 -5.25
CA GLY B 257 -29.81 2.81 -6.70
C GLY B 257 -31.18 3.02 -7.32
N ALA B 258 -32.23 2.85 -6.52
CA ALA B 258 -33.58 3.15 -7.00
C ALA B 258 -33.70 4.64 -7.30
N PRO B 259 -34.10 4.98 -8.52
CA PRO B 259 -34.27 6.38 -8.89
C PRO B 259 -35.49 6.99 -8.23
N ILE B 260 -35.31 8.12 -7.55
CA ILE B 260 -36.42 8.73 -6.81
C ILE B 260 -37.56 9.15 -7.72
N ASP B 261 -37.26 9.33 -9.01
CA ASP B 261 -38.27 9.70 -9.99
C ASP B 261 -39.32 8.60 -10.15
N LEU B 262 -38.93 7.36 -9.88
CA LEU B 262 -39.84 6.23 -9.96
C LEU B 262 -40.36 5.81 -8.58
N THR B 263 -39.76 6.36 -7.53
CA THR B 263 -40.18 6.05 -6.17
C THR B 263 -39.80 7.16 -5.20
N PRO B 264 -40.62 8.22 -5.15
CA PRO B 264 -40.19 9.52 -4.65
C PRO B 264 -40.02 9.61 -3.15
N THR B 265 -40.70 8.75 -2.39
CA THR B 265 -40.74 8.91 -0.93
C THR B 265 -40.42 7.64 -0.16
N ALA B 266 -40.14 6.55 -0.87
CA ALA B 266 -39.64 5.34 -0.24
C ALA B 266 -38.62 4.64 -1.12
N ASP B 267 -37.59 4.08 -0.50
CA ASP B 267 -36.62 3.28 -1.23
C ASP B 267 -37.27 2.02 -1.78
N ASP B 268 -36.71 1.48 -2.85
CA ASP B 268 -37.18 0.24 -3.45
C ASP B 268 -35.98 -0.59 -3.91
N PRO B 269 -35.36 -1.33 -2.97
CA PRO B 269 -34.10 -2.03 -3.22
C PRO B 269 -34.15 -2.91 -4.47
N ALA B 270 -35.26 -3.60 -4.66
CA ALA B 270 -35.42 -4.47 -5.83
C ALA B 270 -35.31 -3.66 -7.12
N LEU B 271 -36.01 -2.53 -7.17
CA LEU B 271 -35.89 -1.61 -8.30
C LEU B 271 -34.44 -1.20 -8.52
N GLY B 272 -33.77 -0.76 -7.47
CA GLY B 272 -32.40 -0.26 -7.58
C GLY B 272 -31.43 -1.28 -8.13
N ALA B 273 -31.69 -2.56 -7.85
CA ALA B 273 -30.78 -3.62 -8.24
C ALA B 273 -31.05 -4.12 -9.66
N ASP B 274 -32.11 -3.61 -10.27
CA ASP B 274 -32.60 -4.13 -11.55
C ASP B 274 -32.27 -3.19 -12.70
N ALA B 275 -31.30 -3.57 -13.52
CA ALA B 275 -30.81 -2.71 -14.59
C ALA B 275 -31.85 -2.50 -15.68
N GLN B 276 -32.88 -3.33 -15.67
CA GLN B 276 -33.96 -3.24 -16.65
C GLN B 276 -34.97 -2.16 -16.29
N ARG B 277 -34.88 -1.62 -15.08
CA ARG B 277 -35.86 -0.67 -14.58
C ARG B 277 -35.25 0.57 -13.94
N ASN B 278 -34.04 0.44 -13.39
CA ASN B 278 -33.49 1.49 -12.55
C ASN B 278 -33.06 2.76 -13.29
N ASN B 279 -33.11 2.71 -14.62
CA ASN B 279 -32.83 3.90 -15.42
C ASN B 279 -33.99 4.26 -16.34
N ASN B 280 -35.12 3.58 -16.14
CA ASN B 280 -36.24 3.66 -17.07
C ASN B 280 -37.17 4.84 -16.81
N PHE B 281 -36.62 6.05 -16.91
CA PHE B 281 -37.39 7.26 -16.64
C PHE B 281 -36.87 8.46 -17.44
N THR B 282 -37.72 9.48 -17.58
CA THR B 282 -37.37 10.66 -18.36
C THR B 282 -37.50 11.93 -17.51
N TYR B 283 -38.11 11.77 -16.33
CA TYR B 283 -38.49 12.88 -15.46
C TYR B 283 -39.90 13.40 -15.76
N SER B 284 -40.50 12.89 -16.82
CA SER B 284 -41.87 13.26 -17.16
C SER B 284 -42.88 12.33 -16.49
N HIS B 285 -43.99 12.90 -16.05
CA HIS B 285 -45.06 12.12 -15.44
C HIS B 285 -46.44 12.64 -15.87
N ALA B 286 -47.31 11.71 -16.27
CA ALA B 286 -48.72 12.02 -16.50
C ALA B 286 -49.47 12.06 -15.16
N GLY B 287 -50.21 13.12 -14.92
CA GLY B 287 -50.04 14.38 -15.62
C GLY B 287 -49.56 15.45 -14.64
N PHE B 288 -48.25 15.68 -14.64
CA PHE B 288 -47.66 16.78 -13.89
C PHE B 288 -47.04 17.78 -14.87
N ASP B 289 -46.92 19.03 -14.43
CA ASP B 289 -46.22 20.05 -15.21
C ASP B 289 -44.70 19.90 -15.05
N LEU B 290 -44.07 19.29 -16.05
CA LEU B 290 -42.63 19.05 -16.02
C LEU B 290 -41.86 20.28 -15.53
N GLY B 291 -42.39 21.46 -15.83
CA GLY B 291 -41.68 22.70 -15.55
C GLY B 291 -41.77 23.15 -14.10
N SER B 292 -42.72 22.59 -13.35
N SER B 292 -42.73 22.62 -13.37
CA SER B 292 -43.02 23.08 -12.02
CA SER B 292 -43.02 23.07 -12.01
C SER B 292 -42.95 21.96 -10.98
C SER B 292 -42.88 21.95 -10.99
N ASP B 293 -43.06 20.72 -11.43
CA ASP B 293 -43.16 19.58 -10.52
C ASP B 293 -41.78 19.08 -10.07
N GLN B 294 -41.48 19.28 -8.78
CA GLN B 294 -40.29 18.73 -8.18
C GLN B 294 -40.64 17.68 -7.12
N SER B 295 -41.87 17.18 -7.18
CA SER B 295 -42.35 16.23 -6.18
C SER B 295 -41.75 14.84 -6.38
N HIS B 296 -41.38 14.52 -7.62
CA HIS B 296 -40.74 13.25 -7.92
C HIS B 296 -39.22 13.35 -7.76
N CYS B 297 -38.63 14.38 -8.36
CA CYS B 297 -37.20 14.61 -8.26
C CYS B 297 -36.92 16.11 -8.35
N PRO B 298 -36.13 16.64 -7.41
CA PRO B 298 -35.76 18.05 -7.46
C PRO B 298 -35.06 18.38 -8.78
N PHE B 299 -35.24 19.62 -9.25
CA PHE B 299 -34.55 20.06 -10.44
C PHE B 299 -33.05 20.14 -10.20
N SER B 300 -32.67 20.18 -8.93
CA SER B 300 -31.30 20.45 -8.53
C SER B 300 -30.54 19.17 -8.20
N ALA B 301 -31.21 18.04 -8.24
CA ALA B 301 -30.60 16.75 -7.92
C ALA B 301 -29.43 16.43 -8.85
N HIS B 302 -28.38 15.79 -8.31
CA HIS B 302 -27.15 15.50 -9.05
C HIS B 302 -27.42 14.91 -10.44
N ILE B 303 -28.11 13.78 -10.49
CA ILE B 303 -28.26 13.08 -11.77
C ILE B 303 -29.08 13.88 -12.77
N ARG B 304 -30.02 14.68 -12.26
CA ARG B 304 -30.86 15.49 -13.13
C ARG B 304 -30.09 16.69 -13.65
N LYS B 305 -29.18 17.19 -12.82
CA LYS B 305 -28.27 18.25 -13.25
C LYS B 305 -27.30 17.77 -14.32
N THR B 306 -26.88 16.51 -14.21
CA THR B 306 -25.81 16.00 -15.06
C THR B 306 -26.29 15.21 -16.29
N ARG B 307 -27.49 14.64 -16.20
CA ARG B 307 -28.23 14.22 -17.38
C ARG B 307 -29.69 14.64 -17.29
N PRO B 308 -30.02 15.79 -17.89
CA PRO B 308 -31.32 16.46 -17.73
C PRO B 308 -32.50 15.67 -18.31
N ARG B 309 -32.21 14.77 -19.26
CA ARG B 309 -33.26 14.04 -19.95
C ARG B 309 -34.34 14.98 -20.49
N ALA B 310 -35.59 14.79 -20.09
CA ALA B 310 -36.70 15.51 -20.71
C ALA B 310 -36.70 17.01 -20.37
N ASP B 311 -35.86 17.41 -19.42
CA ASP B 311 -35.66 18.82 -19.12
C ASP B 311 -35.09 19.58 -20.31
N LEU B 312 -34.44 18.86 -21.21
CA LEU B 312 -33.85 19.46 -22.40
C LEU B 312 -34.56 19.01 -23.67
N GLY B 313 -35.81 18.58 -23.54
CA GLY B 313 -36.63 18.21 -24.68
C GLY B 313 -36.54 16.72 -25.02
N GLY B 314 -37.05 16.36 -26.19
CA GLY B 314 -37.04 14.97 -26.63
C GLY B 314 -38.20 14.18 -26.06
N SER B 315 -38.08 12.85 -26.10
CA SER B 315 -39.20 11.97 -25.76
C SER B 315 -39.58 12.05 -24.29
N LEU B 316 -40.87 12.23 -24.02
CA LEU B 316 -41.40 12.22 -22.66
C LEU B 316 -41.48 10.79 -22.13
N THR B 317 -41.56 9.82 -23.03
CA THR B 317 -41.51 8.41 -22.68
C THR B 317 -40.12 7.85 -22.96
N PRO B 318 -39.70 6.85 -22.18
CA PRO B 318 -38.38 6.24 -22.35
C PRO B 318 -38.21 5.62 -23.73
N PRO B 319 -37.03 5.78 -24.32
CA PRO B 319 -35.94 6.52 -23.71
C PRO B 319 -35.91 7.97 -24.19
N ASN B 320 -35.59 8.89 -23.29
CA ASN B 320 -35.27 10.25 -23.70
C ASN B 320 -33.85 10.30 -24.26
N LEU B 321 -33.68 11.03 -25.37
CA LEU B 321 -32.42 11.01 -26.10
C LEU B 321 -31.76 12.37 -26.15
N SER B 322 -32.17 13.28 -25.26
CA SER B 322 -31.70 14.66 -25.29
C SER B 322 -30.22 14.77 -24.96
N ALA B 323 -29.59 15.83 -25.46
CA ALA B 323 -28.24 16.23 -25.04
C ALA B 323 -27.26 15.08 -25.10
N GLY B 324 -27.37 14.25 -26.14
CA GLY B 324 -26.46 13.12 -26.32
C GLY B 324 -25.01 13.57 -26.38
N ALA B 325 -24.77 14.71 -27.02
CA ALA B 325 -23.41 15.21 -27.21
C ALA B 325 -22.76 15.57 -25.88
N ASN B 326 -23.56 15.73 -24.84
CA ASN B 326 -23.06 16.09 -23.52
C ASN B 326 -22.88 14.89 -22.60
N SER B 327 -22.78 13.70 -23.20
CA SER B 327 -22.63 12.47 -22.42
C SER B 327 -21.19 12.27 -21.98
N ILE B 328 -21.01 11.64 -20.83
CA ILE B 328 -19.68 11.18 -20.40
C ILE B 328 -19.71 9.72 -19.96
N MET B 329 -18.63 9.00 -20.23
CA MET B 329 -18.42 7.68 -19.64
C MET B 329 -17.68 7.80 -18.31
N ARG B 330 -18.27 7.25 -17.25
CA ARG B 330 -17.69 7.37 -15.91
C ARG B 330 -17.03 6.07 -15.48
N SER B 331 -15.77 6.16 -15.08
CA SER B 331 -15.03 5.01 -14.57
C SER B 331 -14.36 5.32 -13.22
N GLY B 332 -15.03 6.13 -12.40
CA GLY B 332 -14.51 6.48 -11.09
C GLY B 332 -14.52 5.33 -10.10
N ILE B 333 -13.72 5.45 -9.05
CA ILE B 333 -13.61 4.41 -8.03
C ILE B 333 -13.21 5.06 -6.70
N PRO B 334 -13.81 4.60 -5.59
CA PRO B 334 -13.57 5.27 -4.31
C PRO B 334 -12.13 5.09 -3.86
N TYR B 335 -11.65 6.02 -3.02
CA TYR B 335 -10.34 5.89 -2.38
C TYR B 335 -10.40 6.20 -0.90
N GLY B 336 -9.44 5.67 -0.15
CA GLY B 336 -9.32 5.98 1.27
C GLY B 336 -9.98 4.92 2.14
N PRO B 337 -9.79 5.05 3.46
CA PRO B 337 -10.37 4.10 4.41
C PRO B 337 -11.87 4.28 4.55
N GLU B 338 -12.55 3.22 4.98
CA GLU B 338 -13.94 3.34 5.43
C GLU B 338 -14.01 4.32 6.59
N VAL B 339 -15.18 4.93 6.77
CA VAL B 339 -15.40 5.81 7.91
C VAL B 339 -15.20 5.06 9.23
N THR B 340 -14.39 5.63 10.11
CA THR B 340 -14.08 5.00 11.38
C THR B 340 -15.16 5.35 12.41
N SER B 341 -15.21 4.59 13.50
CA SER B 341 -16.21 4.86 14.53
C SER B 341 -16.00 6.21 15.20
N ALA B 342 -14.74 6.60 15.36
CA ALA B 342 -14.41 7.89 15.97
C ALA B 342 -14.89 9.07 15.13
N GLU B 343 -14.66 8.99 13.83
CA GLU B 343 -15.13 10.02 12.90
C GLU B 343 -16.64 10.10 12.92
N SER B 344 -17.29 8.94 12.95
CA SER B 344 -18.75 8.89 12.97
C SER B 344 -19.32 9.50 14.24
N ALA B 345 -18.71 9.18 15.37
CA ALA B 345 -19.18 9.69 16.65
C ALA B 345 -19.03 11.21 16.74
N SER B 346 -18.00 11.74 16.09
CA SER B 346 -17.69 13.16 16.22
C SER B 346 -18.29 13.99 15.08
N ASN B 347 -18.79 13.31 14.05
CA ASN B 347 -19.28 13.98 12.85
C ASN B 347 -18.20 14.74 12.12
N THR B 348 -16.95 14.34 12.33
CA THR B 348 -15.82 15.06 11.76
C THR B 348 -14.86 14.12 11.05
N THR B 349 -14.59 14.40 9.79
CA THR B 349 -13.58 13.67 9.02
C THR B 349 -12.18 13.93 9.58
N THR B 350 -11.39 12.86 9.75
CA THR B 350 -9.95 13.01 9.99
C THR B 350 -9.09 12.25 8.98
N GLN B 351 -9.67 11.24 8.34
CA GLN B 351 -8.96 10.46 7.34
C GLN B 351 -9.48 10.80 5.95
N GLU B 352 -8.59 11.20 5.05
CA GLU B 352 -9.01 11.60 3.71
C GLU B 352 -9.57 10.40 2.94
N ARG B 353 -10.78 10.56 2.42
CA ARG B 353 -11.40 9.55 1.58
C ARG B 353 -12.23 10.28 0.54
N GLY B 354 -12.63 9.56 -0.51
CA GLY B 354 -13.51 10.15 -1.51
C GLY B 354 -13.60 9.36 -2.80
N LEU B 355 -13.66 10.08 -3.92
CA LEU B 355 -13.84 9.47 -5.23
C LEU B 355 -12.70 9.84 -6.16
N ALA B 356 -11.99 8.84 -6.66
CA ALA B 356 -11.11 9.04 -7.80
C ALA B 356 -11.93 9.13 -9.07
N PHE B 357 -12.36 10.33 -9.41
CA PHE B 357 -13.34 10.54 -10.47
C PHE B 357 -12.66 10.47 -11.83
N VAL B 358 -13.22 9.65 -12.72
CA VAL B 358 -12.74 9.56 -14.09
C VAL B 358 -13.89 9.71 -15.07
N ALA B 359 -13.77 10.66 -15.97
CA ALA B 359 -14.74 10.84 -17.05
C ALA B 359 -14.06 10.77 -18.42
N TYR B 360 -14.66 10.03 -19.34
CA TYR B 360 -14.18 9.96 -20.72
C TYR B 360 -15.15 10.65 -21.66
N GLN B 361 -14.59 11.36 -22.64
CA GLN B 361 -15.39 12.08 -23.64
C GLN B 361 -14.47 12.49 -24.77
N ALA B 362 -15.05 12.72 -25.95
CA ALA B 362 -14.25 13.09 -27.11
C ALA B 362 -13.98 14.59 -27.16
N GLN B 363 -14.86 15.36 -26.54
CA GLN B 363 -14.66 16.81 -26.38
C GLN B 363 -14.86 17.20 -24.93
N LEU B 364 -13.80 17.72 -24.31
CA LEU B 364 -13.87 18.15 -22.92
C LEU B 364 -14.87 19.29 -22.74
N SER B 365 -15.02 20.11 -23.78
CA SER B 365 -15.89 21.27 -23.70
C SER B 365 -17.37 20.89 -23.68
N GLN B 366 -17.67 19.67 -24.10
CA GLN B 366 -19.04 19.16 -24.14
C GLN B 366 -19.31 18.24 -22.97
N GLY B 367 -18.25 17.68 -22.41
CA GLY B 367 -18.38 16.64 -21.38
C GLY B 367 -18.21 17.19 -19.99
N PHE B 368 -17.22 16.66 -19.27
CA PHE B 368 -16.99 16.99 -17.87
C PHE B 368 -17.03 18.50 -17.62
N HIS B 369 -16.26 19.24 -18.41
CA HIS B 369 -16.11 20.68 -18.22
C HIS B 369 -17.46 21.38 -18.31
N PHE B 370 -18.26 20.94 -19.28
CA PHE B 370 -19.57 21.54 -19.54
C PHE B 370 -20.55 21.20 -18.42
N LEU B 371 -20.57 19.92 -18.04
CA LEU B 371 -21.46 19.46 -16.98
C LEU B 371 -21.17 20.19 -15.66
N GLN B 372 -19.89 20.40 -15.36
CA GLN B 372 -19.50 21.07 -14.12
C GLN B 372 -19.87 22.56 -14.14
N GLN B 373 -19.46 23.25 -15.19
CA GLN B 373 -19.55 24.71 -15.23
C GLN B 373 -20.95 25.20 -15.59
N THR B 374 -21.52 24.63 -16.65
CA THR B 374 -22.73 25.19 -17.26
C THR B 374 -24.01 24.60 -16.67
N TRP B 375 -23.89 23.40 -16.09
CA TRP B 375 -25.05 22.73 -15.52
C TRP B 375 -25.01 22.68 -13.98
N ALA B 376 -24.03 21.97 -13.44
CA ALA B 376 -23.93 21.78 -12.00
C ALA B 376 -23.75 23.11 -11.25
N ASP B 377 -22.84 23.94 -11.73
CA ASP B 377 -22.48 25.18 -11.05
C ASP B 377 -23.44 26.31 -11.40
N ASN B 378 -24.48 25.99 -12.16
CA ASN B 378 -25.36 27.01 -12.74
C ASN B 378 -26.70 27.05 -12.02
N ALA B 379 -26.93 28.11 -11.25
CA ALA B 379 -28.12 28.22 -10.41
C ALA B 379 -29.41 28.29 -11.24
N ASN B 380 -29.26 28.57 -12.53
CA ASN B 380 -30.41 28.75 -13.40
C ASN B 380 -30.55 27.63 -14.44
N PHE B 381 -29.94 26.50 -14.13
CA PHE B 381 -30.11 25.29 -14.95
C PHE B 381 -30.73 24.18 -14.09
N PRO B 382 -31.70 23.46 -14.63
CA PRO B 382 -32.10 23.58 -16.03
C PRO B 382 -33.00 24.80 -16.28
N PRO B 383 -33.25 25.12 -17.56
CA PRO B 383 -34.07 26.26 -17.96
C PRO B 383 -35.55 25.96 -17.89
N GLY B 384 -36.37 27.00 -17.86
CA GLY B 384 -37.82 26.85 -18.03
C GLY B 384 -38.55 26.30 -16.83
N LYS B 385 -37.92 26.40 -15.67
CA LYS B 385 -38.53 25.90 -14.44
C LYS B 385 -39.20 27.02 -13.63
N THR B 386 -40.10 26.63 -12.73
CA THR B 386 -40.71 27.57 -11.81
C THR B 386 -40.76 26.96 -10.42
N PRO B 387 -40.16 27.62 -9.43
CA PRO B 387 -39.43 28.87 -9.64
C PRO B 387 -38.20 28.71 -10.54
N ALA B 388 -37.78 29.80 -11.17
CA ALA B 388 -36.73 29.76 -12.18
C ALA B 388 -35.37 29.37 -11.60
N THR B 389 -35.05 29.90 -10.43
CA THR B 389 -33.78 29.60 -9.79
C THR B 389 -33.76 28.20 -9.19
N VAL B 390 -33.04 27.30 -9.86
CA VAL B 390 -32.94 25.92 -9.43
C VAL B 390 -32.00 25.80 -8.22
N GLY B 391 -30.95 26.63 -8.21
CA GLY B 391 -29.85 26.45 -7.28
C GLY B 391 -28.76 25.56 -7.85
N LEU B 392 -27.74 25.30 -7.05
CA LEU B 392 -26.59 24.51 -7.51
C LEU B 392 -26.77 23.02 -7.24
N ASP B 393 -26.00 22.21 -7.95
CA ASP B 393 -25.89 20.78 -7.65
C ASP B 393 -25.40 20.61 -6.21
N PRO B 394 -26.17 19.90 -5.37
CA PRO B 394 -25.82 19.78 -3.96
C PRO B 394 -24.62 18.85 -3.74
N ILE B 395 -24.35 17.99 -4.71
CA ILE B 395 -23.23 17.06 -4.60
C ILE B 395 -21.92 17.68 -5.09
N ILE B 396 -21.93 18.23 -6.30
CA ILE B 396 -20.68 18.70 -6.91
C ILE B 396 -20.68 20.19 -7.20
N GLY B 397 -21.81 20.86 -6.99
CA GLY B 397 -21.91 22.29 -7.23
C GLY B 397 -20.89 23.10 -6.45
N GLN B 398 -20.18 23.99 -7.14
CA GLN B 398 -19.15 24.81 -6.52
C GLN B 398 -19.41 26.30 -6.68
N ASN B 399 -19.00 27.07 -5.67
CA ASN B 399 -19.09 28.53 -5.73
C ASN B 399 -17.97 29.18 -4.92
N ASN B 400 -16.74 28.95 -5.36
CA ASN B 400 -15.56 29.52 -4.69
C ASN B 400 -15.49 29.16 -3.22
N GLY B 401 -15.94 27.96 -2.87
CA GLY B 401 -15.78 27.44 -1.52
C GLY B 401 -16.88 27.88 -0.57
N GLN B 402 -17.76 28.76 -1.06
CA GLN B 402 -18.90 29.20 -0.28
C GLN B 402 -19.96 28.11 -0.16
N PRO B 403 -20.80 28.21 0.88
CA PRO B 403 -22.01 27.37 0.95
C PRO B 403 -22.87 27.51 -0.30
N ARG B 404 -23.45 26.39 -0.75
CA ARG B 404 -24.22 26.38 -1.99
C ARG B 404 -25.71 26.53 -1.69
N VAL B 405 -26.35 27.49 -2.35
CA VAL B 405 -27.80 27.63 -2.27
C VAL B 405 -28.49 26.68 -3.24
N VAL B 406 -29.30 25.78 -2.70
CA VAL B 406 -29.95 24.74 -3.49
C VAL B 406 -31.44 24.72 -3.20
N ASN B 407 -32.26 24.79 -4.25
CA ASN B 407 -33.71 24.82 -4.09
C ASN B 407 -34.38 23.51 -4.54
N GLY B 408 -35.58 23.26 -4.02
CA GLY B 408 -36.43 22.17 -4.50
C GLY B 408 -36.28 20.87 -3.74
N LEU B 409 -35.31 20.81 -2.83
CA LEU B 409 -34.98 19.56 -2.14
C LEU B 409 -36.09 19.09 -1.20
N LEU B 410 -36.82 20.05 -0.64
CA LEU B 410 -37.86 19.75 0.35
C LEU B 410 -39.22 19.63 -0.32
N PRO B 411 -39.80 18.42 -0.30
CA PRO B 411 -40.90 17.99 -1.15
C PRO B 411 -42.19 18.78 -0.97
N SER B 412 -42.22 19.71 -0.01
CA SER B 412 -43.48 20.37 0.34
C SER B 412 -43.39 21.89 0.28
N ASN B 413 -42.26 22.40 -0.19
CA ASN B 413 -42.16 23.81 -0.59
C ASN B 413 -40.99 24.01 -1.55
N SER B 414 -41.20 23.67 -2.81
CA SER B 414 -40.14 23.71 -3.82
C SER B 414 -39.45 25.06 -3.82
N SER B 415 -40.07 26.04 -3.16
CA SER B 415 -39.49 27.36 -2.99
C SER B 415 -38.48 27.39 -1.84
N ALA B 416 -38.56 26.40 -0.96
CA ALA B 416 -37.69 26.34 0.21
C ALA B 416 -36.24 26.10 -0.18
N SER B 417 -35.36 27.02 0.21
CA SER B 417 -33.95 26.93 -0.11
C SER B 417 -33.16 26.29 1.02
N LEU B 418 -32.04 25.66 0.68
CA LEU B 418 -31.03 25.29 1.67
C LEU B 418 -29.68 25.88 1.30
N SER B 419 -28.95 26.36 2.30
CA SER B 419 -27.55 26.73 2.13
C SER B 419 -26.65 25.61 2.64
N ILE B 420 -25.91 25.00 1.71
CA ILE B 420 -25.29 23.72 1.98
C ILE B 420 -23.77 23.84 1.83
N PRO B 421 -23.04 23.60 2.93
CA PRO B 421 -21.58 23.55 2.84
C PRO B 421 -21.17 22.47 1.84
N GLN B 422 -19.98 22.62 1.26
CA GLN B 422 -19.44 21.59 0.39
C GLN B 422 -19.18 20.30 1.15
N PHE B 423 -19.64 19.17 0.61
CA PHE B 423 -19.28 17.87 1.13
C PHE B 423 -18.25 17.20 0.23
N VAL B 424 -18.07 17.75 -0.96
CA VAL B 424 -17.08 17.26 -1.90
C VAL B 424 -16.04 18.35 -2.14
N VAL B 425 -14.78 18.00 -1.89
CA VAL B 425 -13.70 18.99 -1.95
C VAL B 425 -12.67 18.57 -2.99
N SER B 426 -12.54 19.38 -4.04
CA SER B 426 -11.61 19.06 -5.12
C SER B 426 -10.17 19.23 -4.68
N HIS B 427 -9.38 18.18 -4.85
CA HIS B 427 -7.94 18.30 -4.71
C HIS B 427 -7.26 18.29 -6.07
N GLY B 428 -8.06 18.56 -7.11
CA GLY B 428 -7.52 18.80 -8.44
C GLY B 428 -7.34 17.53 -9.24
N GLY B 429 -6.62 17.65 -10.34
CA GLY B 429 -6.47 16.56 -11.30
C GLY B 429 -5.88 17.08 -12.59
N GLU B 430 -6.04 16.31 -13.66
CA GLU B 430 -5.48 16.67 -14.95
C GLU B 430 -6.36 16.13 -16.07
N TYR B 431 -6.23 16.75 -17.23
CA TYR B 431 -6.82 16.26 -18.46
C TYR B 431 -5.79 15.43 -19.24
N PHE B 432 -6.15 14.20 -19.60
CA PHE B 432 -5.25 13.34 -20.36
C PHE B 432 -5.92 12.90 -21.66
N PHE B 433 -5.12 12.34 -22.55
CA PHE B 433 -5.65 11.65 -23.72
C PHE B 433 -5.24 10.18 -23.67
N SER B 434 -6.22 9.28 -23.61
CA SER B 434 -5.96 7.85 -23.72
C SER B 434 -5.98 7.45 -25.18
N PRO B 435 -4.80 7.14 -25.73
CA PRO B 435 -4.69 6.88 -27.17
C PRO B 435 -5.27 5.51 -27.52
N PRO B 436 -5.61 5.31 -28.80
CA PRO B 436 -5.84 3.95 -29.26
C PRO B 436 -4.59 3.11 -29.04
N ILE B 437 -4.77 1.81 -28.84
CA ILE B 437 -3.65 0.95 -28.47
C ILE B 437 -2.57 0.94 -29.55
N SER B 438 -2.98 1.06 -30.81
CA SER B 438 -2.03 1.09 -31.93
C SER B 438 -1.07 2.29 -31.85
N ALA B 439 -1.50 3.37 -31.22
CA ALA B 439 -0.66 4.58 -31.14
C ALA B 439 0.44 4.46 -30.10
N ILE B 440 0.28 3.52 -29.16
CA ILE B 440 1.21 3.41 -28.04
C ILE B 440 2.55 2.84 -28.49
N GLY B 441 2.51 1.73 -29.21
CA GLY B 441 3.71 1.20 -29.87
C GLY B 441 3.90 1.78 -31.25
N GLY B 442 2.99 2.68 -31.64
CA GLY B 442 3.07 3.35 -32.93
C GLY B 442 3.60 4.77 -32.79
N ARG B 443 2.77 5.74 -33.16
CA ARG B 443 3.22 7.13 -33.24
C ARG B 443 3.94 7.59 -31.97
N LEU B 444 3.40 7.23 -30.81
CA LEU B 444 3.94 7.76 -29.56
C LEU B 444 5.34 7.23 -29.27
N SER B 445 5.67 6.08 -29.87
CA SER B 445 6.97 5.48 -29.69
C SER B 445 7.96 5.85 -30.81
N ALA B 446 7.46 6.56 -31.83
CA ALA B 446 8.26 6.83 -33.02
C ALA B 446 9.15 8.05 -32.84
C1 NAG C . 20.97 -35.70 16.38
C2 NAG C . 20.08 -36.90 16.07
C3 NAG C . 20.54 -38.12 16.85
C4 NAG C . 22.04 -38.36 16.64
C5 NAG C . 22.83 -37.07 16.83
C6 NAG C . 24.29 -37.28 16.43
C7 NAG C . 17.73 -36.78 15.47
C8 NAG C . 16.32 -36.45 15.89
N2 NAG C . 18.69 -36.62 16.38
O3 NAG C . 19.81 -39.25 16.44
O4 NAG C . 22.48 -39.30 17.60
O5 NAG C . 22.28 -36.05 16.02
O6 NAG C . 25.01 -36.08 16.62
O7 NAG C . 17.96 -37.16 14.33
C1 NAG C . 23.11 -40.40 16.93
C2 NAG C . 23.93 -41.19 17.95
C3 NAG C . 24.53 -42.44 17.33
C4 NAG C . 23.46 -43.23 16.60
C5 NAG C . 22.76 -42.31 15.60
C6 NAG C . 21.68 -43.07 14.82
C7 NAG C . 24.82 -39.65 19.60
C8 NAG C . 26.00 -38.84 20.07
N2 NAG C . 25.00 -40.37 18.50
O3 NAG C . 25.09 -43.24 18.35
O4 NAG C . 24.04 -44.33 15.94
O5 NAG C . 22.17 -41.23 16.30
O6 NAG C . 20.67 -43.48 15.71
O7 NAG C . 23.76 -39.62 20.23
AS CAC D . 29.51 -36.46 12.77
O1 CAC D . 30.18 -35.89 11.27
O2 CAC D . 30.79 -36.83 13.88
C1 CAC D . 28.35 -35.07 13.54
C2 CAC D . 28.43 -38.07 12.42
C1 GOL E . -9.58 -0.83 1.57
O1 GOL E . -10.33 -0.44 0.42
C2 GOL E . -9.68 0.27 2.62
O2 GOL E . -11.05 0.42 3.02
C3 GOL E . -8.84 -0.12 3.84
O3 GOL E . -8.87 0.96 4.78
C1 GOL F . 16.28 -17.39 -4.52
O1 GOL F . 16.18 -18.73 -5.06
C2 GOL F . 15.78 -16.38 -5.53
O2 GOL F . 16.81 -15.41 -5.78
C3 GOL F . 14.54 -15.68 -4.98
O3 GOL F . 13.43 -16.58 -5.03
C1 GOL G . 12.94 -37.76 6.17
O1 GOL G . 13.71 -38.74 6.89
C2 GOL G . 12.53 -36.66 7.14
O2 GOL G . 13.59 -35.70 7.25
C3 GOL G . 11.25 -35.98 6.64
O3 GOL G . 11.37 -35.63 5.24
C1 GOL H . 16.97 -12.28 39.75
O1 GOL H . 17.86 -11.75 38.77
C2 GOL H . 15.86 -13.07 39.04
O2 GOL H . 15.36 -12.32 37.93
C3 GOL H . 16.43 -14.40 38.54
O3 GOL H . 15.75 -15.48 39.18
C1 NAG I . 24.61 -10.55 -15.58
C2 NAG I . 24.96 -10.10 -17.00
C3 NAG I . 25.21 -11.32 -17.89
C4 NAG I . 26.24 -12.23 -17.22
C5 NAG I . 25.80 -12.56 -15.81
C6 NAG I . 26.83 -13.45 -15.11
C7 NAG I . 24.16 -8.08 -18.08
C8 NAG I . 23.00 -7.33 -18.67
N2 NAG I . 23.90 -9.29 -17.58
O3 NAG I . 25.66 -10.91 -19.15
O4 NAG I . 26.36 -13.43 -17.96
O5 NAG I . 25.63 -11.37 -15.07
O6 NAG I . 27.90 -12.66 -14.65
O7 NAG I . 25.27 -7.56 -18.04
C1 NAG J . 45.44 -21.21 -1.26
C2 NAG J . 46.54 -21.43 -2.29
C3 NAG J . 47.81 -20.72 -1.88
C4 NAG J . 47.49 -19.25 -1.61
C5 NAG J . 46.32 -19.14 -0.62
C6 NAG J . 45.98 -17.68 -0.34
C7 NAG J . 46.34 -23.43 -3.62
C8 NAG J . 46.62 -24.90 -3.77
N2 NAG J . 46.77 -22.85 -2.51
O3 NAG J . 48.77 -20.82 -2.90
O4 NAG J . 48.62 -18.59 -1.10
O5 NAG J . 45.20 -19.83 -1.13
O6 NAG J . 45.56 -17.07 -1.55
O7 NAG J . 45.75 -22.82 -4.51
FE N7H K . 20.66 -13.84 9.93
N1 N7H K . 20.03 -14.91 5.28
O1 N7H K . 21.29 -15.23 4.74
O2 N7H K . 19.02 -14.93 4.59
NA N7H K . 20.15 -15.48 8.91
NB N7H K . 20.39 -12.67 8.21
NC N7H K . 21.17 -12.11 10.96
ND N7H K . 20.88 -14.87 11.50
C1A N7H K . 19.95 -16.72 9.47
O1A N7H K . 18.68 -20.41 10.95
C1B N7H K . 20.05 -13.13 7.02
C1C N7H K . 21.14 -10.83 10.50
C1D N7H K . 21.25 -14.42 12.72
O1D N7H K . 22.37 -20.98 14.27
C2A N7H K . 19.59 -17.62 8.44
O2A N7H K . 16.70 -19.54 11.07
C2B N7H K . 19.89 -12.04 6.11
C2C N7H K . 21.63 -9.97 11.50
C2D N7H K . 21.20 -15.49 13.73
O2D N7H K . 21.14 -20.03 15.76
C3A N7H K . 19.54 -16.93 7.28
C3B N7H K . 20.10 -10.89 6.83
C3C N7H K . 21.92 -10.75 12.61
C3D N7H K . 20.77 -16.59 13.09
C4A N7H K . 19.86 -15.59 7.58
C4B N7H K . 20.40 -11.33 8.21
C4C N7H K . 21.62 -12.10 12.26
C4D N7H K . 20.52 -16.17 11.71
CAA N7H K . 19.31 -19.10 8.61
CAB N7H K . 20.03 -9.49 6.38
CAC N7H K . 22.46 -10.34 13.92
CAD N7H K . 20.55 -17.97 13.70
CBA N7H K . 17.85 -19.30 9.00
CBB N7H K . 19.19 -9.08 5.44
CBC N7H K . 23.17 -9.24 14.09
CBD N7H K . 21.90 -18.67 13.92
CGA N7H K . 17.75 -19.78 10.43
CGD N7H K . 21.78 -19.96 14.68
CHA N7H K . 20.08 -17.09 10.77
CHB N7H K . 19.94 -14.57 6.63
CHC N7H K . 20.71 -10.44 9.24
CHD N7H K . 21.73 -13.17 13.09
CMA N7H K . 19.19 -17.48 5.92
CMB N7H K . 19.54 -12.12 4.64
CMC N7H K . 21.76 -8.46 11.39
CMD N7H K . 21.59 -15.39 15.18
C FMT L . -0.06 19.24 19.40
O1 FMT L . 0.89 19.45 18.67
O2 FMT L . -0.62 18.04 19.46
N NO2 M . 17.41 -12.47 10.65
O1 NO2 M . 18.51 -13.29 10.35
O2 NO2 M . 16.29 -12.79 10.27
AS CAC N . -45.64 7.99 -15.38
O1 CAC N . -46.27 9.17 -16.49
O2 CAC N . -45.55 8.68 -13.78
C1 CAC N . -46.85 6.44 -15.34
C2 CAC N . -43.86 7.43 -15.97
C1 GOL O . 3.88 -8.50 -2.32
O1 GOL O . 4.40 -8.75 -1.00
C2 GOL O . 4.97 -7.87 -3.17
O2 GOL O . 5.83 -8.89 -3.68
C3 GOL O . 4.35 -7.12 -4.33
O3 GOL O . 5.26 -6.13 -4.80
C1 GOL P . -13.35 21.57 -38.93
O1 GOL P . -14.55 21.73 -39.71
C2 GOL P . -13.70 20.89 -37.61
O2 GOL P . -13.73 21.85 -36.56
C3 GOL P . -12.65 19.82 -37.30
O3 GOL P . -11.51 20.43 -36.69
C1 GOL Q . -42.74 20.78 -5.72
O1 GOL Q . -43.28 20.13 -6.88
C2 GOL Q . -41.82 19.83 -4.96
O2 GOL Q . -42.56 18.69 -4.52
C3 GOL Q . -41.21 20.53 -3.76
O3 GOL Q . -39.78 20.39 -3.77
C1 GOL R . -8.52 1.91 -0.79
O1 GOL R . -9.66 2.76 -0.63
C2 GOL R . -7.32 2.72 -1.27
O2 GOL R . -7.53 4.11 -1.02
C3 GOL R . -6.05 2.25 -0.55
O3 GOL R . -6.27 2.29 0.87
C1 NAG S . -40.29 1.49 -18.73
C2 NAG S . -40.92 0.11 -18.52
C3 NAG S . -42.11 -0.05 -19.46
C4 NAG S . -43.09 1.10 -19.24
C5 NAG S . -42.38 2.45 -19.31
C6 NAG S . -43.34 3.56 -18.89
C7 NAG S . -39.61 -1.83 -17.84
C8 NAG S . -38.60 -2.86 -18.24
N2 NAG S . -39.93 -0.93 -18.77
O3 NAG S . -42.76 -1.27 -19.19
O4 NAG S . -44.13 1.05 -20.20
O5 NAG S . -41.28 2.47 -18.45
O6 NAG S . -42.71 4.80 -19.07
O7 NAG S . -40.08 -1.85 -16.70
C1 NAG T . -23.02 14.34 15.86
C2 NAG T . -23.00 14.56 17.36
C3 NAG T . -24.10 13.74 18.01
C4 NAG T . -25.44 14.12 17.37
C5 NAG T . -25.36 14.01 15.85
C6 NAG T . -26.64 14.55 15.21
C7 NAG T . -20.96 15.14 18.51
C8 NAG T . -19.64 14.70 19.09
N2 NAG T . -21.71 14.22 17.94
O3 NAG T . -24.15 14.01 19.39
O4 NAG T . -26.44 13.25 17.84
O5 NAG T . -24.27 14.75 15.35
O6 NAG T . -26.44 15.89 14.81
O7 NAG T . -21.30 16.32 18.57
FE N7H U . -21.90 11.85 -10.26
N1 N7H U . -22.78 10.34 -5.74
O1 N7H U . -23.75 11.15 -5.16
O2 N7H U . -22.30 9.39 -5.13
NA N7H U . -23.11 10.49 -9.43
NB N7H U . -20.88 12.07 -8.44
NC N7H U . -20.61 13.26 -11.09
ND N7H U . -22.80 11.64 -11.91
C1A N7H U . -24.03 9.72 -10.10
O1A N7H U . -24.45 5.67 -11.90
C1B N7H U . -21.18 11.44 -7.30
C1C N7H U . -19.53 13.85 -10.49
C1D N7H U . -22.52 12.31 -13.06
O1D N7H U . -27.02 9.51 -16.66
C2A N7H U . -24.67 8.86 -9.18
O2A N7H U . -26.30 6.80 -11.96
C2B N7H U . -20.22 11.78 -6.29
C2C N7H U . -18.98 14.78 -11.38
C2D N7H U . -23.35 11.81 -14.16
O2D N7H U . -28.53 9.90 -15.17
C3A N7H U . -24.14 9.11 -7.95
C3B N7H U . -19.30 12.60 -6.88
C3C N7H U . -19.73 14.74 -12.54
C3D N7H U . -24.09 10.81 -13.66
C4A N7H U . -23.14 10.09 -8.11
C4B N7H U . -19.73 12.74 -8.30
C4C N7H U . -20.76 13.77 -12.34
C4D N7H U . -23.69 10.69 -12.25
CAA N7H U . -25.80 7.90 -9.47
CAB N7H U . -18.10 13.22 -6.28
CAC N7H U . -19.56 15.56 -13.77
CAD N7H U . -25.11 9.96 -14.41
CBA N7H U . -25.27 6.50 -9.82
CBB N7H U . -17.66 12.88 -5.09
CBC N7H U . -18.88 16.69 -13.75
CBD N7H U . -26.34 10.80 -14.75
CGA N7H U . -25.36 6.31 -11.31
CGD N7H U . -27.35 10.01 -15.56
CHA N7H U . -24.31 9.74 -11.44
CHB N7H U . -22.38 10.59 -7.06
CHC N7H U . -19.05 13.55 -9.22
CHD N7H U . -21.69 13.40 -13.27
CMA N7H U . -24.51 8.42 -6.67
CMB N7H U . -20.23 11.32 -4.85
CMC N7H U . -17.77 15.64 -11.10
CMD N7H U . -23.37 12.32 -15.58
N NO2 V . -18.98 9.83 -11.02
O1 NO2 V . -20.28 10.20 -10.65
O2 NO2 V . -18.58 8.70 -10.78
#